data_8UP5
#
_entry.id   8UP5
#
loop_
_entity.id
_entity.type
_entity.pdbx_description
1 polymer tRNA
2 polymer 'Probable bifunctional tRNA threonylcarbamoyladenosine biosynthesis protein'
3 polymer 'Probable bifunctional tRNA threonylcarbamoyladenosine biosynthesis protein'
4 polymer 'Regulatory protein Cgi121'
5 polymer 'KEOPS complex subunit Pcc1'
#
loop_
_entity_poly.entity_id
_entity_poly.type
_entity_poly.pdbx_seq_one_letter_code
_entity_poly.pdbx_strand_id
1 'polyribonucleotide' GGGCCCGUAGCUCAGUCUGGCAGAGCGCCUGGCUUUUAACCAGGUGGUCGAGGGUUCAAAUCCCUUCGGGCCCGCCA T
2 'polypeptide(L)'
;KIPEHLIGKGAEADIKRDSYLDFDVIIKERVKKGYRDERLDENIRKSRTAREARYLALVKDFGIPAPYIFDVDLDNKRIM
MSYINGKLAKDVIEDNLDIAYKIGEIVGKLHKNDVIHNDLTTSNFIFDKDLYIIDFGLGKISNLDRDKAVDLIVFKKAVL
STHHEKFDEIWERFLEGYKSVYDRWEIILELMKDVERRARYVE
;
B
3 'polypeptide(L)'
;PMICLGLEGTAEKTGVGIVTSDGEVLFNKTIMYKPPKQGINPREAADHHAETFPKLIKEAFEVVDKNEIDLIAFSQGPGL
GPSLRVTATVARTLSLTLKKPIIGVNHCIAHIEIGKLTTEAEDPLTLYVSGGNTQVIAYVSKKYRVFGETLDIAVGNCLD
QFARYVNLPHPGGPYIEELARKGKKLVDLPYTVKGMDIAFSGLLTAAMRAYDAGERLEDICYSLQEYAFSMLTEITERAL
AHTNKGEVMLVGGVAANNRLREMLKAMCEGQNVDFYVPPKEFCGDNGAMIAWLGLLMHKNGRWMSLDETKIIPNYRTDMV
EVNWI
;
K
4 'polypeptide(L)'
;MDPMIIRGIRGARINNEIFNLGLKFQILNADVVATKKHVLHAINQAKTKKPIAKSFWMEILVRASGQRQIHEAIKIIGAK
DGNVCLICEDEETFRKIYELIGGEIDDSVLEINEDKERLIREIFKIRGFGNVVERVLEKIALIELKKE
;
C
5 'polypeptide(L)'
;MKAKRVQAKIEIEFPSEDVAKVVYEAVLYEHLSVPYRRSEIDFKLEGKKIILDIKATDSSALRGTVNSYLRWIKAAIDVI
EVGSGSGSGSGSGMKAKRVQAKIEIEFPSEDVAKVVYEAVLYEHLSVPYRRSEIDFKLEGKKIILDIKATDSSALRGTVN
SYLRWIKYAIDRIEV
;
P
#
loop_
_chem_comp.id
_chem_comp.type
_chem_comp.name
_chem_comp.formula
A RNA linking ADENOSINE-5'-MONOPHOSPHATE 'C10 H14 N5 O7 P'
C RNA linking CYTIDINE-5'-MONOPHOSPHATE 'C9 H14 N3 O8 P'
G RNA linking GUANOSINE-5'-MONOPHOSPHATE 'C10 H14 N5 O8 P'
U RNA linking URIDINE-5'-MONOPHOSPHATE 'C9 H13 N2 O9 P'
#
# COMPACT_ATOMS: atom_id res chain seq x y z
N ALA B 13 -6.07 3.61 -19.23
CA ALA B 13 -7.10 3.80 -20.24
C ALA B 13 -8.34 2.99 -19.87
N ASP B 14 -8.38 1.73 -20.30
CA ASP B 14 -9.40 0.74 -19.97
C ASP B 14 -10.70 0.98 -20.72
N ILE B 15 -10.83 2.05 -21.48
CA ILE B 15 -12.06 2.36 -22.21
C ILE B 15 -11.76 2.22 -23.70
N LYS B 16 -12.37 1.22 -24.34
CA LYS B 16 -12.20 1.03 -25.78
C LYS B 16 -13.49 0.79 -26.54
N ARG B 17 -14.53 0.22 -25.93
CA ARG B 17 -15.82 -0.02 -26.59
C ARG B 17 -15.62 -0.74 -27.92
N ASP B 18 -14.79 -1.79 -27.87
CA ASP B 18 -14.44 -2.55 -29.05
C ASP B 18 -14.91 -4.01 -28.90
N SER B 19 -15.10 -4.69 -30.03
CA SER B 19 -15.55 -6.08 -30.01
C SER B 19 -14.63 -6.96 -30.85
N TYR B 20 -13.73 -7.67 -30.18
CA TYR B 20 -12.80 -8.57 -30.86
C TYR B 20 -13.52 -9.84 -31.29
N LEU B 21 -13.62 -10.04 -32.61
CA LEU B 21 -14.37 -11.17 -33.16
C LEU B 21 -15.82 -11.13 -32.70
N ASP B 22 -16.39 -9.93 -32.69
CA ASP B 22 -17.77 -9.73 -32.24
C ASP B 22 -17.86 -9.87 -30.73
N PHE B 23 -16.73 -10.10 -30.08
CA PHE B 23 -16.70 -10.23 -28.62
C PHE B 23 -16.44 -8.87 -28.00
N ASP B 24 -17.41 -8.37 -27.24
CA ASP B 24 -17.24 -7.07 -26.59
C ASP B 24 -16.04 -7.13 -25.65
N VAL B 25 -15.11 -6.20 -25.85
CA VAL B 25 -13.84 -6.20 -25.13
C VAL B 25 -13.41 -4.76 -24.89
N ILE B 26 -12.76 -4.54 -23.76
CA ILE B 26 -12.12 -3.26 -23.48
C ILE B 26 -10.63 -3.49 -23.30
N ILE B 27 -9.82 -2.87 -24.17
CA ILE B 27 -8.38 -2.94 -24.01
C ILE B 27 -7.95 -1.95 -22.96
N LYS B 28 -7.30 -2.44 -21.90
CA LYS B 28 -6.86 -1.62 -20.79
C LYS B 28 -5.35 -1.44 -20.85
N GLU B 29 -4.92 -0.20 -20.68
CA GLU B 29 -3.52 0.18 -20.77
C GLU B 29 -3.16 1.04 -19.57
N ARG B 30 -1.86 1.08 -19.27
CA ARG B 30 -1.33 1.81 -18.13
C ARG B 30 -0.61 3.05 -18.66
N VAL B 31 -1.30 4.18 -18.66
CA VAL B 31 -0.70 5.42 -19.13
C VAL B 31 0.61 5.66 -18.39
N LYS B 32 1.66 5.97 -19.14
CA LYS B 32 2.97 6.20 -18.57
C LYS B 32 2.90 7.29 -17.51
N LYS B 33 3.14 6.93 -16.25
CA LYS B 33 3.16 7.89 -15.15
C LYS B 33 4.51 8.59 -15.15
N GLY B 34 4.56 9.78 -15.74
CA GLY B 34 5.82 10.47 -15.93
C GLY B 34 6.52 10.88 -14.66
N TYR B 35 5.77 11.04 -13.55
CA TYR B 35 6.38 11.54 -12.33
C TYR B 35 7.56 10.68 -11.91
N ARG B 36 7.47 9.37 -12.12
CA ARG B 36 8.53 8.45 -11.74
C ARG B 36 9.57 8.36 -12.87
N ASP B 37 10.72 7.78 -12.53
CA ASP B 37 11.79 7.66 -13.50
C ASP B 37 11.36 6.81 -14.69
N GLU B 38 11.89 7.13 -15.86
CA GLU B 38 11.44 6.48 -17.08
C GLU B 38 11.68 4.97 -17.02
N ARG B 39 12.89 4.57 -16.62
CA ARG B 39 13.22 3.16 -16.60
C ARG B 39 12.40 2.39 -15.58
N LEU B 40 12.21 2.96 -14.39
CA LEU B 40 11.40 2.28 -13.39
C LEU B 40 9.94 2.21 -13.82
N ASP B 41 9.44 3.26 -14.48
CA ASP B 41 8.07 3.23 -14.99
C ASP B 41 7.92 2.10 -16.01
N GLU B 42 8.88 1.99 -16.93
CA GLU B 42 8.85 0.90 -17.90
C GLU B 42 8.81 -0.45 -17.19
N ASN B 43 9.73 -0.66 -16.25
CA ASN B 43 9.81 -1.95 -15.56
C ASN B 43 8.51 -2.27 -14.83
N ILE B 44 7.98 -1.29 -14.09
CA ILE B 44 6.80 -1.54 -13.28
C ILE B 44 5.60 -1.84 -14.17
N ARG B 45 5.40 -1.05 -15.22
CA ARG B 45 4.25 -1.29 -16.08
C ARG B 45 4.37 -2.63 -16.80
N LYS B 46 5.57 -2.98 -17.25
CA LYS B 46 5.76 -4.28 -17.89
C LYS B 46 5.41 -5.41 -16.92
N SER B 47 5.94 -5.34 -15.69
CA SER B 47 5.69 -6.42 -14.74
C SER B 47 4.21 -6.47 -14.35
N ARG B 48 3.57 -5.31 -14.22
CA ARG B 48 2.16 -5.27 -13.85
C ARG B 48 1.30 -5.90 -14.95
N THR B 49 1.58 -5.56 -16.21
CA THR B 49 0.84 -6.18 -17.31
C THR B 49 1.08 -7.68 -17.35
N ALA B 50 2.34 -8.10 -17.17
CA ALA B 50 2.65 -9.53 -17.20
C ALA B 50 1.86 -10.26 -16.12
N ARG B 51 1.88 -9.75 -14.89
CA ARG B 51 1.24 -10.46 -13.79
C ARG B 51 -0.28 -10.41 -13.90
N GLU B 52 -0.82 -9.27 -14.35
CA GLU B 52 -2.27 -9.19 -14.53
C GLU B 52 -2.74 -10.20 -15.56
N ALA B 53 -2.11 -10.24 -16.73
CA ALA B 53 -2.51 -11.22 -17.73
C ALA B 53 -2.34 -12.64 -17.19
N ARG B 54 -1.15 -12.95 -16.67
CA ARG B 54 -0.88 -14.24 -16.07
C ARG B 54 -2.03 -14.70 -15.19
N TYR B 55 -2.42 -13.87 -14.22
CA TYR B 55 -3.32 -14.36 -13.19
C TYR B 55 -4.79 -14.18 -13.53
N LEU B 56 -5.17 -13.15 -14.27
CA LEU B 56 -6.52 -13.13 -14.83
C LEU B 56 -6.77 -14.35 -15.69
N ALA B 57 -5.70 -14.94 -16.25
CA ALA B 57 -5.85 -16.21 -16.95
C ALA B 57 -5.88 -17.38 -15.98
N LEU B 58 -4.88 -17.45 -15.09
CA LEU B 58 -4.72 -18.62 -14.23
C LEU B 58 -5.91 -18.83 -13.31
N VAL B 59 -6.47 -17.74 -12.77
CA VAL B 59 -7.51 -17.86 -11.76
C VAL B 59 -8.69 -18.65 -12.30
N LYS B 60 -9.03 -18.45 -13.58
CA LYS B 60 -10.14 -19.19 -14.16
C LYS B 60 -9.96 -20.68 -13.98
N ASP B 61 -8.72 -21.17 -14.02
CA ASP B 61 -8.46 -22.58 -13.80
C ASP B 61 -8.79 -23.02 -12.38
N PHE B 62 -9.00 -22.08 -11.47
CA PHE B 62 -9.43 -22.38 -10.11
C PHE B 62 -10.95 -22.38 -9.98
N GLY B 63 -11.67 -22.18 -11.07
CA GLY B 63 -13.11 -21.99 -11.01
C GLY B 63 -13.51 -20.69 -10.36
N ILE B 64 -12.79 -19.62 -10.65
CA ILE B 64 -13.04 -18.30 -10.07
C ILE B 64 -13.40 -17.35 -11.20
N PRO B 65 -14.68 -17.07 -11.42
CA PRO B 65 -15.09 -16.32 -12.61
C PRO B 65 -14.40 -14.96 -12.68
N ALA B 66 -14.07 -14.56 -13.91
CA ALA B 66 -13.30 -13.35 -14.17
C ALA B 66 -13.54 -12.87 -15.59
N PRO B 67 -12.99 -11.74 -16.00
CA PRO B 67 -13.03 -11.36 -17.42
C PRO B 67 -12.09 -12.23 -18.23
N TYR B 68 -12.35 -12.27 -19.53
CA TYR B 68 -11.51 -13.06 -20.41
C TYR B 68 -10.23 -12.31 -20.75
N ILE B 69 -9.24 -13.06 -21.21
CA ILE B 69 -8.00 -12.51 -21.77
C ILE B 69 -7.91 -13.00 -23.21
N PHE B 70 -7.69 -12.06 -24.13
CA PHE B 70 -7.67 -12.39 -25.56
C PHE B 70 -6.43 -11.90 -26.29
N ASP B 71 -5.70 -10.93 -25.77
CA ASP B 71 -4.43 -10.54 -26.36
C ASP B 71 -3.63 -9.65 -25.40
N VAL B 72 -2.40 -10.04 -25.15
CA VAL B 72 -1.48 -9.28 -24.33
C VAL B 72 -0.56 -8.50 -25.25
N ASP B 73 0.00 -7.40 -24.75
CA ASP B 73 0.98 -6.63 -25.50
C ASP B 73 1.93 -5.99 -24.49
N LEU B 74 3.06 -6.67 -24.24
CA LEU B 74 4.05 -6.12 -23.33
C LEU B 74 4.76 -4.92 -23.94
N ASP B 75 4.84 -4.86 -25.27
CA ASP B 75 5.46 -3.70 -25.91
C ASP B 75 4.69 -2.44 -25.60
N ASN B 76 3.37 -2.52 -25.58
CA ASN B 76 2.51 -1.37 -25.33
C ASN B 76 1.86 -1.39 -23.95
N LYS B 77 2.17 -2.37 -23.12
CA LYS B 77 1.59 -2.49 -21.78
C LYS B 77 0.07 -2.57 -21.83
N ARG B 78 -0.46 -3.26 -22.82
CA ARG B 78 -1.90 -3.37 -23.04
C ARG B 78 -2.37 -4.79 -22.79
N ILE B 79 -3.60 -4.92 -22.31
CA ILE B 79 -4.27 -6.21 -22.24
C ILE B 79 -5.71 -6.03 -22.70
N MET B 80 -6.14 -6.85 -23.65
CA MET B 80 -7.52 -6.85 -24.10
C MET B 80 -8.30 -7.90 -23.33
N MET B 81 -9.49 -7.53 -22.86
CA MET B 81 -10.24 -8.37 -21.93
C MET B 81 -11.72 -8.18 -22.16
N SER B 82 -12.46 -9.29 -22.11
CA SER B 82 -13.90 -9.24 -22.31
C SER B 82 -14.55 -8.33 -21.29
N TYR B 83 -15.36 -7.40 -21.78
CA TYR B 83 -16.02 -6.45 -20.90
C TYR B 83 -17.15 -7.11 -20.13
N ILE B 84 -17.43 -6.55 -18.94
CA ILE B 84 -18.48 -7.05 -18.07
C ILE B 84 -19.39 -5.88 -17.72
N ASN B 85 -20.69 -6.12 -17.72
CA ASN B 85 -21.65 -5.04 -17.49
C ASN B 85 -21.35 -4.35 -16.16
N GLY B 86 -21.37 -3.03 -16.18
CA GLY B 86 -20.95 -2.25 -15.02
C GLY B 86 -21.79 -2.48 -13.79
N LYS B 87 -21.24 -3.23 -12.83
CA LYS B 87 -21.86 -3.39 -11.52
C LYS B 87 -20.73 -3.73 -10.54
N LEU B 88 -20.27 -2.74 -9.80
CA LEU B 88 -19.10 -2.90 -8.96
C LEU B 88 -19.47 -3.44 -7.58
N ALA B 89 -18.57 -4.25 -7.01
CA ALA B 89 -18.82 -4.78 -5.68
C ALA B 89 -18.87 -3.67 -4.65
N LYS B 90 -18.04 -2.64 -4.80
CA LYS B 90 -18.08 -1.52 -3.87
C LYS B 90 -19.43 -0.81 -3.92
N ASP B 91 -20.04 -0.75 -5.09
CA ASP B 91 -21.28 -0.01 -5.27
C ASP B 91 -22.52 -0.84 -4.98
N VAL B 92 -22.38 -2.12 -4.66
CA VAL B 92 -23.55 -2.99 -4.49
C VAL B 92 -23.47 -3.75 -3.17
N ILE B 93 -22.29 -3.78 -2.55
CA ILE B 93 -22.13 -4.54 -1.31
C ILE B 93 -23.07 -3.99 -0.24
N GLU B 94 -23.22 -2.66 -0.19
CA GLU B 94 -24.18 -2.08 0.74
C GLU B 94 -25.61 -2.45 0.36
N ASP B 95 -25.90 -2.53 -0.95
CA ASP B 95 -27.24 -2.92 -1.39
C ASP B 95 -27.44 -4.42 -1.21
N ASN B 96 -26.64 -5.23 -1.89
CA ASN B 96 -26.63 -6.67 -1.71
C ASN B 96 -25.48 -7.03 -0.79
N LEU B 97 -25.80 -7.64 0.35
CA LEU B 97 -24.79 -8.03 1.32
C LEU B 97 -24.26 -9.43 1.08
N ASP B 98 -24.83 -10.17 0.13
CA ASP B 98 -24.33 -11.49 -0.20
C ASP B 98 -23.08 -11.45 -1.06
N ILE B 99 -22.82 -10.34 -1.75
CA ILE B 99 -21.62 -10.28 -2.57
C ILE B 99 -20.38 -10.27 -1.68
N ALA B 100 -20.50 -9.79 -0.43
CA ALA B 100 -19.38 -9.91 0.50
C ALA B 100 -19.09 -11.37 0.81
N TYR B 101 -20.13 -12.17 1.05
CA TYR B 101 -19.95 -13.60 1.21
C TYR B 101 -19.27 -14.20 -0.01
N LYS B 102 -19.77 -13.83 -1.20
CA LYS B 102 -19.21 -14.37 -2.45
C LYS B 102 -17.75 -13.99 -2.61
N ILE B 103 -17.39 -12.75 -2.26
CA ILE B 103 -15.98 -12.36 -2.24
C ILE B 103 -15.22 -13.26 -1.28
N GLY B 104 -15.84 -13.58 -0.15
CA GLY B 104 -15.22 -14.52 0.77
C GLY B 104 -14.83 -15.81 0.08
N GLU B 105 -15.77 -16.41 -0.67
CA GLU B 105 -15.42 -17.65 -1.38
C GLU B 105 -14.34 -17.41 -2.43
N ILE B 106 -14.55 -16.43 -3.31
CA ILE B 106 -13.67 -16.31 -4.47
C ILE B 106 -12.31 -15.74 -4.11
N VAL B 107 -12.10 -15.35 -2.85
CA VAL B 107 -10.77 -14.98 -2.38
C VAL B 107 -10.18 -16.06 -1.48
N GLY B 108 -10.99 -16.81 -0.75
CA GLY B 108 -10.48 -17.97 -0.05
C GLY B 108 -9.97 -19.04 -0.99
N LYS B 109 -10.58 -19.15 -2.17
CA LYS B 109 -10.04 -20.05 -3.18
C LYS B 109 -8.61 -19.64 -3.55
N LEU B 110 -8.42 -18.33 -3.81
CA LEU B 110 -7.08 -17.81 -4.06
C LEU B 110 -6.13 -18.21 -2.95
N HIS B 111 -6.51 -17.91 -1.70
CA HIS B 111 -5.61 -18.17 -0.58
C HIS B 111 -5.29 -19.66 -0.46
N LYS B 112 -6.29 -20.52 -0.62
CA LYS B 112 -6.04 -21.96 -0.48
C LYS B 112 -5.12 -22.47 -1.56
N ASN B 113 -5.22 -21.93 -2.77
CA ASN B 113 -4.39 -22.39 -3.87
C ASN B 113 -3.08 -21.61 -4.00
N ASP B 114 -2.72 -20.82 -2.98
CA ASP B 114 -1.42 -20.16 -2.91
C ASP B 114 -1.25 -19.12 -4.03
N VAL B 115 -2.21 -18.20 -4.12
CA VAL B 115 -2.11 -17.04 -5.01
C VAL B 115 -2.56 -15.82 -4.22
N ILE B 116 -1.82 -14.73 -4.37
CA ILE B 116 -2.01 -13.50 -3.60
C ILE B 116 -2.52 -12.42 -4.53
N HIS B 117 -3.54 -11.70 -4.09
CA HIS B 117 -4.07 -10.54 -4.81
C HIS B 117 -3.96 -9.35 -3.86
N ASN B 118 -2.94 -8.52 -4.07
CA ASN B 118 -2.54 -7.52 -3.08
C ASN B 118 -3.25 -6.19 -3.26
N ASP B 119 -4.46 -6.20 -3.81
CA ASP B 119 -5.24 -4.97 -3.96
C ASP B 119 -6.69 -5.22 -3.57
N LEU B 120 -6.93 -6.18 -2.66
CA LEU B 120 -8.29 -6.58 -2.33
C LEU B 120 -9.14 -5.37 -1.96
N THR B 121 -10.12 -5.07 -2.79
CA THR B 121 -11.09 -4.02 -2.50
C THR B 121 -12.40 -4.41 -3.16
N THR B 122 -13.48 -3.82 -2.68
CA THR B 122 -14.78 -4.03 -3.30
C THR B 122 -14.89 -3.32 -4.65
N SER B 123 -13.84 -2.63 -5.09
CA SER B 123 -13.76 -2.12 -6.45
C SER B 123 -13.16 -3.14 -7.42
N ASN B 124 -12.57 -4.22 -6.90
CA ASN B 124 -11.94 -5.25 -7.71
C ASN B 124 -12.81 -6.50 -7.82
N PHE B 125 -14.13 -6.31 -7.87
CA PHE B 125 -15.05 -7.44 -8.00
C PHE B 125 -16.34 -6.92 -8.63
N ILE B 126 -16.64 -7.39 -9.83
CA ILE B 126 -17.89 -7.05 -10.51
C ILE B 126 -18.91 -8.14 -10.18
N PHE B 127 -20.18 -7.78 -10.21
CA PHE B 127 -21.26 -8.73 -9.97
C PHE B 127 -22.41 -8.45 -10.94
N ASP B 128 -22.51 -9.25 -11.99
CA ASP B 128 -23.66 -9.25 -12.87
C ASP B 128 -24.41 -10.59 -12.78
N LYS B 129 -23.72 -11.69 -13.08
CA LYS B 129 -24.23 -13.04 -12.88
C LYS B 129 -23.51 -13.78 -11.77
N ASP B 130 -22.21 -13.60 -11.65
CA ASP B 130 -21.41 -14.13 -10.57
C ASP B 130 -20.36 -13.08 -10.21
N LEU B 131 -19.36 -13.47 -9.44
CA LEU B 131 -18.38 -12.53 -8.90
C LEU B 131 -17.11 -12.59 -9.74
N TYR B 132 -16.95 -11.59 -10.60
CA TYR B 132 -15.82 -11.51 -11.53
C TYR B 132 -14.71 -10.69 -10.90
N ILE B 133 -13.52 -11.29 -10.75
CA ILE B 133 -12.37 -10.61 -10.17
C ILE B 133 -11.65 -9.87 -11.29
N ILE B 134 -12.08 -8.65 -11.57
CA ILE B 134 -11.82 -8.01 -12.85
C ILE B 134 -10.43 -7.37 -12.91
N ASP B 135 -9.65 -7.52 -11.84
CA ASP B 135 -8.25 -7.11 -11.85
C ASP B 135 -7.48 -8.04 -10.94
N PHE B 136 -6.22 -8.28 -11.31
CA PHE B 136 -5.34 -9.06 -10.46
C PHE B 136 -3.95 -8.43 -10.48
N GLY B 137 -3.87 -7.12 -10.72
CA GLY B 137 -2.64 -6.54 -11.23
C GLY B 137 -1.44 -6.80 -10.35
N LEU B 138 -1.58 -6.57 -9.05
CA LEU B 138 -0.48 -6.74 -8.12
C LEU B 138 -0.35 -8.17 -7.62
N GLY B 139 -0.87 -9.14 -8.37
CA GLY B 139 -0.86 -10.52 -7.93
C GLY B 139 0.54 -11.00 -7.60
N LYS B 140 0.59 -12.20 -7.02
CA LYS B 140 1.85 -12.84 -6.67
C LYS B 140 1.57 -14.29 -6.32
N ILE B 141 2.63 -15.07 -6.16
CA ILE B 141 2.54 -16.45 -5.71
C ILE B 141 3.33 -16.57 -4.42
N SER B 142 2.71 -17.13 -3.39
CA SER B 142 3.35 -17.30 -2.09
C SER B 142 2.83 -18.56 -1.43
N ASN B 143 3.71 -19.25 -0.72
CA ASN B 143 3.34 -20.38 0.11
C ASN B 143 3.39 -20.04 1.60
N LEU B 144 3.61 -18.77 1.94
CA LEU B 144 3.66 -18.31 3.32
C LEU B 144 2.34 -17.68 3.69
N ASP B 145 1.79 -18.09 4.84
CA ASP B 145 0.51 -17.56 5.30
C ASP B 145 0.58 -16.08 5.63
N ARG B 146 1.77 -15.55 5.87
CA ARG B 146 1.90 -14.14 6.26
C ARG B 146 1.45 -13.22 5.13
N ASP B 147 1.80 -13.55 3.88
CA ASP B 147 1.38 -12.72 2.76
C ASP B 147 -0.14 -12.74 2.62
N LYS B 148 -0.75 -13.91 2.79
CA LYS B 148 -2.20 -14.00 2.75
C LYS B 148 -2.83 -13.17 3.86
N ALA B 149 -2.25 -13.23 5.06
CA ALA B 149 -2.78 -12.45 6.18
C ALA B 149 -2.69 -10.96 5.90
N VAL B 150 -1.57 -10.49 5.34
CA VAL B 150 -1.45 -9.07 5.06
C VAL B 150 -2.42 -8.66 3.95
N ASP B 151 -2.66 -9.55 2.98
CA ASP B 151 -3.66 -9.23 1.97
C ASP B 151 -5.05 -9.09 2.59
N LEU B 152 -5.40 -9.99 3.51
CA LEU B 152 -6.66 -9.85 4.21
C LEU B 152 -6.71 -8.55 5.00
N ILE B 153 -5.58 -8.16 5.60
CA ILE B 153 -5.53 -6.88 6.31
C ILE B 153 -5.79 -5.73 5.36
N VAL B 154 -5.23 -5.80 4.16
CA VAL B 154 -5.46 -4.75 3.17
C VAL B 154 -6.94 -4.65 2.84
N PHE B 155 -7.58 -5.80 2.61
CA PHE B 155 -9.02 -5.78 2.36
C PHE B 155 -9.77 -5.20 3.56
N LYS B 156 -9.31 -5.51 4.77
CA LYS B 156 -9.97 -5.01 5.97
C LYS B 156 -9.91 -3.49 6.01
N LYS B 157 -8.73 -2.93 5.74
CA LYS B 157 -8.61 -1.47 5.73
C LYS B 157 -9.46 -0.86 4.62
N ALA B 158 -9.50 -1.51 3.45
CA ALA B 158 -10.30 -0.98 2.36
C ALA B 158 -11.78 -0.96 2.74
N VAL B 159 -12.29 -2.06 3.30
CA VAL B 159 -13.69 -2.12 3.66
C VAL B 159 -14.00 -1.10 4.75
N LEU B 160 -13.13 -0.94 5.73
CA LEU B 160 -13.33 0.12 6.72
C LEU B 160 -13.44 1.47 6.03
N SER B 161 -12.43 1.82 5.23
CA SER B 161 -12.37 3.15 4.65
C SER B 161 -13.57 3.42 3.75
N THR B 162 -14.13 2.40 3.12
CA THR B 162 -15.24 2.62 2.20
C THR B 162 -16.59 2.61 2.92
N HIS B 163 -16.90 1.52 3.64
CA HIS B 163 -18.22 1.34 4.24
C HIS B 163 -18.08 0.82 5.66
N HIS B 164 -17.27 1.51 6.48
CA HIS B 164 -17.08 1.09 7.86
C HIS B 164 -18.41 0.97 8.60
N GLU B 165 -19.42 1.76 8.21
CA GLU B 165 -20.69 1.71 8.90
C GLU B 165 -21.27 0.29 8.93
N LYS B 166 -20.98 -0.52 7.91
CA LYS B 166 -21.44 -1.90 7.85
C LYS B 166 -20.30 -2.89 8.04
N PHE B 167 -19.15 -2.43 8.54
CA PHE B 167 -17.98 -3.30 8.67
C PHE B 167 -18.34 -4.59 9.38
N ASP B 168 -19.16 -4.51 10.43
CA ASP B 168 -19.55 -5.71 11.16
C ASP B 168 -20.02 -6.80 10.20
N GLU B 169 -21.11 -6.53 9.47
CA GLU B 169 -21.70 -7.55 8.61
C GLU B 169 -20.80 -7.86 7.42
N ILE B 170 -20.15 -6.85 6.85
CA ILE B 170 -19.30 -7.09 5.68
C ILE B 170 -18.21 -8.09 6.03
N TRP B 171 -17.47 -7.82 7.11
CA TRP B 171 -16.40 -8.72 7.52
C TRP B 171 -16.95 -10.04 8.00
N GLU B 172 -18.12 -10.05 8.66
CA GLU B 172 -18.69 -11.31 9.12
C GLU B 172 -18.99 -12.23 7.95
N ARG B 173 -19.62 -11.71 6.89
CA ARG B 173 -19.95 -12.55 5.74
C ARG B 173 -18.73 -12.87 4.90
N PHE B 174 -17.75 -11.96 4.85
CA PHE B 174 -16.49 -12.27 4.21
C PHE B 174 -15.82 -13.47 4.88
N LEU B 175 -15.82 -13.48 6.22
CA LEU B 175 -15.30 -14.63 6.94
C LEU B 175 -16.18 -15.85 6.75
N GLU B 176 -17.49 -15.68 6.61
CA GLU B 176 -18.35 -16.82 6.29
C GLU B 176 -17.89 -17.49 5.00
N GLY B 177 -17.72 -16.70 3.93
CA GLY B 177 -17.26 -17.27 2.68
C GLY B 177 -15.86 -17.88 2.80
N TYR B 178 -14.98 -17.21 3.54
CA TYR B 178 -13.63 -17.72 3.71
C TYR B 178 -13.64 -19.05 4.43
N LYS B 179 -14.50 -19.20 5.45
CA LYS B 179 -14.69 -20.49 6.08
C LYS B 179 -15.21 -21.51 5.08
N SER B 180 -16.17 -21.11 4.25
CA SER B 180 -16.80 -22.05 3.34
C SER B 180 -15.79 -22.65 2.37
N VAL B 181 -14.88 -21.84 1.84
CA VAL B 181 -13.94 -22.35 0.83
C VAL B 181 -12.61 -22.75 1.46
N TYR B 182 -11.95 -21.83 2.17
CA TYR B 182 -10.63 -22.06 2.73
C TYR B 182 -10.76 -22.89 3.99
N ASP B 183 -9.81 -23.81 4.20
CA ASP B 183 -9.92 -24.79 5.28
C ASP B 183 -9.03 -24.47 6.47
N ARG B 184 -7.82 -23.95 6.25
CA ARG B 184 -6.91 -23.57 7.32
C ARG B 184 -7.02 -22.09 7.66
N TRP B 185 -8.22 -21.53 7.54
CA TRP B 185 -8.43 -20.11 7.74
C TRP B 185 -7.95 -19.62 9.11
N GLU B 186 -8.19 -20.42 10.15
CA GLU B 186 -7.87 -19.97 11.51
C GLU B 186 -6.37 -19.70 11.66
N ILE B 187 -5.53 -20.46 10.98
CA ILE B 187 -4.08 -20.27 11.10
C ILE B 187 -3.70 -18.87 10.64
N ILE B 188 -4.18 -18.47 9.46
CA ILE B 188 -3.82 -17.15 8.95
C ILE B 188 -4.51 -16.06 9.76
N LEU B 189 -5.71 -16.32 10.27
CA LEU B 189 -6.34 -15.32 11.13
C LEU B 189 -5.49 -15.07 12.38
N GLU B 190 -4.99 -16.14 12.99
CA GLU B 190 -4.11 -15.96 14.15
C GLU B 190 -2.84 -15.23 13.76
N LEU B 191 -2.27 -15.57 12.60
CA LEU B 191 -1.06 -14.89 12.15
C LEU B 191 -1.32 -13.42 11.88
N MET B 192 -2.54 -13.06 11.50
CA MET B 192 -2.86 -11.66 11.22
C MET B 192 -2.58 -10.77 12.42
N LYS B 193 -2.84 -11.27 13.63
CA LYS B 193 -2.63 -10.47 14.82
C LYS B 193 -1.19 -10.01 14.94
N ASP B 194 -0.24 -10.80 14.41
CA ASP B 194 1.16 -10.39 14.45
C ASP B 194 1.37 -9.11 13.65
N VAL B 195 0.72 -9.00 12.49
CA VAL B 195 0.82 -7.79 11.69
C VAL B 195 0.00 -6.67 12.29
N GLU B 196 -1.10 -6.99 12.98
CA GLU B 196 -1.98 -5.96 13.51
C GLU B 196 -1.32 -5.14 14.62
N ARG B 197 -0.22 -5.63 15.20
CA ARG B 197 0.76 -5.32 16.23
C ARG B 197 1.70 -4.18 15.84
N ARG B 198 1.65 -3.74 14.59
CA ARG B 198 2.57 -2.68 14.16
C ARG B 198 2.37 -1.41 14.96
N ALA B 199 1.11 -1.03 15.20
CA ALA B 199 0.82 0.16 15.99
C ALA B 199 1.62 0.13 17.28
N ARG B 200 2.51 1.11 17.44
CA ARG B 200 3.49 1.07 18.51
C ARG B 200 2.85 1.42 19.85
N TYR B 201 3.59 1.14 20.91
CA TYR B 201 3.12 1.32 22.28
C TYR B 201 4.15 2.07 23.13
N PRO C 1 -5.88 38.42 22.94
CA PRO C 1 -5.93 37.14 22.22
C PRO C 1 -5.33 36.00 23.04
N MET C 2 -6.08 34.91 23.17
CA MET C 2 -5.59 33.76 23.92
C MET C 2 -4.32 33.22 23.28
N ILE C 3 -3.40 32.75 24.13
CA ILE C 3 -2.14 32.19 23.68
C ILE C 3 -1.89 30.88 24.42
N CYS C 4 -1.10 30.01 23.81
CA CYS C 4 -0.89 28.67 24.33
C CYS C 4 0.59 28.31 24.23
N LEU C 5 1.00 27.38 25.09
CA LEU C 5 2.35 26.83 25.10
C LEU C 5 2.24 25.34 24.86
N GLY C 6 2.89 24.86 23.80
CA GLY C 6 2.86 23.45 23.45
C GLY C 6 4.24 22.82 23.53
N LEU C 7 4.26 21.53 23.85
CA LEU C 7 5.46 20.73 23.85
C LEU C 7 5.35 19.65 22.78
N GLU C 8 6.46 19.00 22.50
CA GLU C 8 6.48 17.94 21.50
C GLU C 8 7.56 16.94 21.90
N GLY C 9 7.14 15.78 22.38
CA GLY C 9 8.05 14.75 22.83
C GLY C 9 7.65 13.38 22.34
N THR C 10 7.11 13.29 21.14
CA THR C 10 6.75 12.00 20.58
C THR C 10 7.95 11.25 20.01
N ALA C 11 9.06 11.93 19.78
CA ALA C 11 10.21 11.32 19.12
C ALA C 11 11.48 11.98 19.66
N GLU C 12 12.59 11.78 18.94
CA GLU C 12 13.89 12.26 19.39
C GLU C 12 14.01 13.78 19.36
N LYS C 13 13.05 14.48 18.76
CA LYS C 13 13.17 15.92 18.49
C LYS C 13 12.36 16.70 19.52
N THR C 14 13.00 16.96 20.67
CA THR C 14 12.34 17.68 21.76
C THR C 14 11.97 19.08 21.31
N GLY C 15 10.69 19.37 21.19
CA GLY C 15 10.22 20.67 20.71
C GLY C 15 9.45 21.41 21.81
N VAL C 16 9.62 22.73 21.84
CA VAL C 16 8.87 23.58 22.75
C VAL C 16 8.50 24.86 22.01
N GLY C 17 7.25 25.30 22.14
CA GLY C 17 6.81 26.50 21.45
C GLY C 17 5.69 27.18 22.20
N ILE C 18 5.53 28.46 21.89
CA ILE C 18 4.41 29.26 22.36
C ILE C 18 3.82 29.98 21.16
N VAL C 19 2.52 29.80 20.94
CA VAL C 19 1.83 30.28 19.75
C VAL C 19 0.55 30.98 20.16
N THR C 20 0.18 32.00 19.39
CA THR C 20 -1.03 32.78 19.62
C THR C 20 -2.12 32.37 18.65
N SER C 21 -3.32 32.89 18.89
CA SER C 21 -4.43 32.69 17.98
C SER C 21 -4.52 33.76 16.91
N ASP C 22 -3.67 34.79 16.97
CA ASP C 22 -3.69 35.84 15.95
C ASP C 22 -3.23 35.32 14.61
N GLY C 23 -2.42 34.26 14.59
CA GLY C 23 -1.90 33.72 13.36
C GLY C 23 -0.39 33.81 13.27
N GLU C 24 0.28 33.72 14.41
CA GLU C 24 1.74 33.79 14.46
C GLU C 24 2.24 33.00 15.65
N VAL C 25 3.51 32.60 15.57
CA VAL C 25 4.16 31.80 16.61
C VAL C 25 5.10 32.72 17.37
N LEU C 26 4.82 32.90 18.68
CA LEU C 26 5.68 33.74 19.50
C LEU C 26 7.08 33.16 19.61
N PHE C 27 7.19 31.85 19.85
CA PHE C 27 8.49 31.23 20.04
C PHE C 27 8.41 29.77 19.63
N ASN C 28 9.50 29.28 19.04
CA ASN C 28 9.59 27.87 18.67
C ASN C 28 11.04 27.44 18.77
N LYS C 29 11.27 26.25 19.30
CA LYS C 29 12.60 25.71 19.41
C LYS C 29 12.53 24.19 19.37
N THR C 30 13.58 23.58 18.85
CA THR C 30 13.69 22.13 18.78
C THR C 30 15.13 21.73 19.00
N ILE C 31 15.32 20.71 19.83
CA ILE C 31 16.62 20.09 20.05
C ILE C 31 16.50 18.64 19.62
N MET C 32 17.23 18.27 18.57
CA MET C 32 17.17 16.91 18.05
C MET C 32 18.14 16.04 18.84
N TYR C 33 17.61 15.00 19.47
CA TYR C 33 18.44 14.08 20.25
C TYR C 33 19.45 13.40 19.35
N LYS C 34 20.72 13.71 19.53
CA LYS C 34 21.77 13.07 18.74
C LYS C 34 21.89 11.61 19.18
N PRO C 35 21.80 10.65 18.27
CA PRO C 35 21.77 9.24 18.68
C PRO C 35 23.11 8.80 19.24
N PRO C 36 23.11 8.06 20.36
CA PRO C 36 24.37 7.52 20.87
C PRO C 36 24.77 6.22 20.17
N LYS C 37 25.84 5.59 20.63
CA LYS C 37 26.23 4.31 20.07
C LYS C 37 25.15 3.27 20.30
N GLN C 38 24.98 2.38 19.32
CA GLN C 38 23.95 1.36 19.38
C GLN C 38 24.57 -0.02 19.65
N PRO C 42 22.50 3.59 28.46
CA PRO C 42 21.79 3.87 27.21
C PRO C 42 20.76 5.00 27.36
N ARG C 43 21.10 6.18 26.86
CA ARG C 43 20.21 7.33 26.93
C ARG C 43 18.96 7.09 26.09
N GLU C 44 18.01 8.00 26.14
CA GLU C 44 16.76 7.85 25.41
C GLU C 44 16.22 9.21 25.03
N ALA C 45 15.29 9.19 24.07
CA ALA C 45 14.54 10.41 23.76
C ALA C 45 13.91 10.97 25.02
N ALA C 46 13.41 10.09 25.89
CA ALA C 46 12.81 10.55 27.15
C ALA C 46 13.85 11.25 28.02
N ASP C 47 15.06 10.68 28.12
CA ASP C 47 16.11 11.33 28.88
C ASP C 47 16.40 12.72 28.32
N HIS C 48 16.53 12.81 27.00
CA HIS C 48 16.79 14.10 26.38
C HIS C 48 15.66 15.07 26.67
N HIS C 49 14.42 14.60 26.63
CA HIS C 49 13.28 15.47 26.94
C HIS C 49 13.36 15.96 28.38
N ALA C 50 13.68 15.06 29.31
CA ALA C 50 13.73 15.46 30.72
C ALA C 50 14.79 16.50 30.95
N GLU C 51 15.96 16.36 30.33
CA GLU C 51 17.06 17.29 30.52
C GLU C 51 17.05 18.45 29.52
N THR C 52 16.06 18.54 28.64
CA THR C 52 15.96 19.64 27.70
C THR C 52 14.73 20.51 27.91
N PHE C 53 13.59 19.91 28.21
CA PHE C 53 12.38 20.70 28.43
C PHE C 53 12.55 21.75 29.50
N PRO C 54 13.21 21.48 30.62
CA PRO C 54 13.49 22.58 31.56
C PRO C 54 14.23 23.74 30.93
N LYS C 55 15.23 23.45 30.09
CA LYS C 55 16.01 24.52 29.48
C LYS C 55 15.18 25.27 28.44
N LEU C 56 14.50 24.53 27.56
CA LEU C 56 13.64 25.18 26.57
C LEU C 56 12.59 26.03 27.26
N ILE C 57 12.04 25.55 28.37
CA ILE C 57 11.03 26.29 29.10
C ILE C 57 11.66 27.51 29.77
N LYS C 58 12.93 27.42 30.17
CA LYS C 58 13.62 28.60 30.67
C LYS C 58 13.72 29.67 29.60
N GLU C 59 14.10 29.28 28.38
CA GLU C 59 14.12 30.24 27.28
C GLU C 59 12.71 30.76 26.99
N ALA C 60 11.70 29.90 27.13
CA ALA C 60 10.33 30.33 26.95
C ALA C 60 9.96 31.41 27.96
N PHE C 61 10.36 31.22 29.22
CA PHE C 61 10.15 32.24 30.24
C PHE C 61 10.87 33.52 29.87
N GLU C 62 12.11 33.40 29.40
CA GLU C 62 12.90 34.58 29.05
C GLU C 62 12.24 35.38 27.94
N VAL C 63 11.71 34.70 26.91
CA VAL C 63 11.13 35.41 25.79
C VAL C 63 9.68 35.83 26.05
N VAL C 64 9.00 35.17 26.97
CA VAL C 64 7.63 35.54 27.33
C VAL C 64 7.42 35.16 28.79
N ASP C 65 6.72 36.03 29.52
CA ASP C 65 6.54 35.83 30.95
C ASP C 65 5.64 34.65 31.24
N LYS C 66 5.86 34.02 32.40
CA LYS C 66 5.12 32.81 32.75
C LYS C 66 3.63 33.06 32.80
N ASN C 67 3.22 34.15 33.44
CA ASN C 67 1.79 34.43 33.60
C ASN C 67 1.09 34.71 32.28
N GLU C 68 1.84 35.00 31.22
CA GLU C 68 1.23 35.38 29.96
C GLU C 68 0.53 34.19 29.30
N ILE C 69 1.20 33.05 29.22
CA ILE C 69 0.66 31.92 28.48
C ILE C 69 -0.62 31.44 29.15
N ASP C 70 -1.67 31.28 28.36
CA ASP C 70 -3.00 30.98 28.88
C ASP C 70 -3.33 29.49 28.87
N LEU C 71 -2.73 28.71 27.97
CA LEU C 71 -3.02 27.29 27.86
C LEU C 71 -1.72 26.54 27.63
N ILE C 72 -1.71 25.27 28.06
CA ILE C 72 -0.62 24.35 27.73
C ILE C 72 -1.18 23.14 27.01
N ALA C 73 -0.56 22.80 25.89
CA ALA C 73 -0.86 21.60 25.13
C ALA C 73 0.35 20.68 25.18
N PHE C 74 0.14 19.42 24.83
CA PHE C 74 1.28 18.51 24.74
C PHE C 74 0.90 17.31 23.88
N SER C 75 1.91 16.78 23.19
CA SER C 75 1.69 15.68 22.26
C SER C 75 1.48 14.38 23.01
N GLN C 76 0.23 14.09 23.40
CA GLN C 76 -0.02 12.87 24.13
C GLN C 76 0.07 11.63 23.24
N GLY C 77 0.18 11.80 21.93
CA GLY C 77 0.38 10.69 21.04
C GLY C 77 0.07 11.02 19.59
N PRO C 78 0.40 10.11 18.68
CA PRO C 78 1.11 8.85 18.88
C PRO C 78 2.60 9.10 19.04
N GLY C 79 3.36 8.15 19.57
CA GLY C 79 4.79 8.34 19.73
C GLY C 79 5.37 7.30 20.67
N LEU C 80 6.67 7.44 20.89
CA LEU C 80 7.36 6.55 21.80
C LEU C 80 6.85 6.73 23.22
N GLY C 81 6.71 5.62 23.94
CA GLY C 81 6.13 5.63 25.26
C GLY C 81 6.81 6.59 26.22
N PRO C 82 8.07 6.33 26.55
CA PRO C 82 8.76 7.19 27.52
C PRO C 82 8.80 8.65 27.14
N SER C 83 8.99 8.97 25.85
CA SER C 83 9.04 10.36 25.44
C SER C 83 7.68 11.02 25.60
N LEU C 84 6.61 10.32 25.20
CA LEU C 84 5.27 10.82 25.44
C LEU C 84 5.06 11.09 26.92
N ARG C 85 5.55 10.18 27.77
CA ARG C 85 5.34 10.34 29.19
C ARG C 85 6.10 11.54 29.74
N VAL C 86 7.31 11.78 29.26
CA VAL C 86 8.08 12.94 29.72
C VAL C 86 7.35 14.23 29.34
N THR C 87 6.90 14.31 28.09
CA THR C 87 6.20 15.53 27.68
C THR C 87 4.90 15.69 28.47
N ALA C 88 4.22 14.58 28.77
CA ALA C 88 2.99 14.68 29.56
C ALA C 88 3.28 15.15 30.98
N THR C 89 4.32 14.60 31.62
CA THR C 89 4.70 15.03 32.95
C THR C 89 4.96 16.53 32.97
N VAL C 90 5.77 17.01 32.04
CA VAL C 90 6.10 18.43 32.01
C VAL C 90 4.84 19.25 31.74
N ALA C 91 3.97 18.76 30.87
CA ALA C 91 2.76 19.51 30.56
C ALA C 91 1.87 19.65 31.78
N ARG C 92 1.66 18.56 32.53
CA ARG C 92 0.85 18.62 33.72
C ARG C 92 1.47 19.54 34.77
N THR C 93 2.78 19.43 34.96
CA THR C 93 3.45 20.26 35.95
C THR C 93 3.27 21.74 35.62
N LEU C 94 3.51 22.12 34.37
CA LEU C 94 3.36 23.52 33.99
C LEU C 94 1.90 23.96 34.10
N SER C 95 0.97 23.09 33.71
CA SER C 95 -0.45 23.43 33.80
C SER C 95 -0.82 23.81 35.22
N LEU C 96 -0.51 22.94 36.18
CA LEU C 96 -0.87 23.25 37.56
C LEU C 96 -0.10 24.46 38.06
N THR C 97 1.19 24.55 37.72
CA THR C 97 2.03 25.63 38.24
C THR C 97 1.50 26.99 37.81
N LEU C 98 1.10 27.12 36.55
CA LEU C 98 0.55 28.36 36.04
C LEU C 98 -0.96 28.45 36.20
N LYS C 99 -1.59 27.46 36.81
CA LYS C 99 -3.03 27.45 37.04
C LYS C 99 -3.81 27.51 35.74
N LYS C 100 -3.19 27.06 34.65
CA LYS C 100 -3.81 27.08 33.33
C LYS C 100 -4.24 25.66 32.94
N PRO C 101 -5.27 25.54 32.10
CA PRO C 101 -5.74 24.21 31.72
C PRO C 101 -4.69 23.45 30.91
N ILE C 102 -4.79 22.14 30.98
CA ILE C 102 -3.92 21.23 30.24
C ILE C 102 -4.72 20.58 29.13
N ILE C 103 -4.08 20.36 27.99
CA ILE C 103 -4.69 19.60 26.91
C ILE C 103 -3.66 18.64 26.32
N GLY C 104 -4.06 17.40 26.13
CA GLY C 104 -3.24 16.41 25.45
C GLY C 104 -3.76 16.18 24.04
N VAL C 105 -2.98 16.59 23.04
CA VAL C 105 -3.44 16.58 21.66
C VAL C 105 -2.66 15.54 20.87
N ASN C 106 -3.03 15.39 19.61
CA ASN C 106 -2.52 14.33 18.75
C ASN C 106 -1.46 14.87 17.80
N HIS C 107 -0.35 14.13 17.70
CA HIS C 107 0.81 14.58 16.95
C HIS C 107 0.50 14.76 15.47
N CYS C 108 -0.06 13.73 14.83
CA CYS C 108 -0.21 13.71 13.39
C CYS C 108 -1.17 14.81 12.91
N ILE C 109 -2.36 14.86 13.51
CA ILE C 109 -3.31 15.90 13.13
C ILE C 109 -2.68 17.27 13.36
N ALA C 110 -1.93 17.41 14.45
CA ALA C 110 -1.20 18.65 14.70
C ALA C 110 -0.34 19.01 13.50
N HIS C 111 0.38 18.03 12.96
CA HIS C 111 1.18 18.27 11.77
C HIS C 111 0.32 18.83 10.64
N ILE C 112 -0.84 18.20 10.41
CA ILE C 112 -1.71 18.69 9.35
C ILE C 112 -2.17 20.12 9.61
N GLU C 113 -2.54 20.45 10.85
CA GLU C 113 -3.05 21.80 11.09
C GLU C 113 -1.95 22.84 10.95
N ILE C 114 -0.73 22.53 11.38
CA ILE C 114 0.35 23.51 11.17
C ILE C 114 0.62 23.67 9.68
N GLY C 115 0.59 22.57 8.93
CA GLY C 115 0.76 22.70 7.50
C GLY C 115 -0.29 23.61 6.90
N LYS C 116 -1.55 23.41 7.27
CA LYS C 116 -2.63 24.26 6.77
C LYS C 116 -2.47 25.71 7.19
N LEU C 117 -2.05 25.95 8.43
CA LEU C 117 -1.86 27.32 8.91
C LEU C 117 -0.77 28.03 8.13
N THR C 118 0.41 27.41 8.03
CA THR C 118 1.56 28.08 7.46
C THR C 118 1.50 28.15 5.94
N THR C 119 1.09 27.06 5.30
CA THR C 119 0.96 27.02 3.84
C THR C 119 -0.36 27.65 3.42
N GLU C 120 -0.76 27.43 2.17
CA GLU C 120 -2.05 27.90 1.67
C GLU C 120 -3.15 27.33 2.57
N ALA C 121 -4.38 27.85 2.42
CA ALA C 121 -5.53 27.37 3.18
C ALA C 121 -6.31 26.36 2.36
N GLU C 122 -6.58 25.20 2.93
CA GLU C 122 -7.24 24.12 2.20
C GLU C 122 -7.72 23.05 3.18
N ASP C 123 -8.28 21.98 2.61
CA ASP C 123 -8.56 20.75 3.35
C ASP C 123 -7.70 19.67 2.74
N PRO C 124 -6.53 19.36 3.31
CA PRO C 124 -5.49 18.68 2.53
C PRO C 124 -5.47 17.16 2.63
N LEU C 125 -4.93 16.53 1.61
CA LEU C 125 -4.52 15.13 1.70
C LEU C 125 -3.05 15.12 2.12
N THR C 126 -2.78 14.86 3.39
CA THR C 126 -1.45 15.03 3.95
C THR C 126 -0.72 13.69 3.94
N LEU C 127 0.31 13.60 3.09
CA LEU C 127 1.28 12.52 3.16
C LEU C 127 2.26 12.90 4.26
N TYR C 128 2.05 12.37 5.46
CA TYR C 128 2.89 12.65 6.61
C TYR C 128 3.95 11.56 6.72
N VAL C 129 5.20 11.92 6.48
CA VAL C 129 6.32 10.99 6.52
C VAL C 129 7.38 11.54 7.46
N SER C 130 7.86 10.70 8.37
CA SER C 130 8.82 11.12 9.36
C SER C 130 9.65 9.91 9.79
N GLY C 131 10.40 10.07 10.88
CA GLY C 131 11.33 9.04 11.27
C GLY C 131 10.67 7.69 11.50
N GLY C 132 9.48 7.69 12.10
CA GLY C 132 8.80 6.45 12.40
C GLY C 132 7.31 6.51 12.19
N ASN C 133 6.83 7.55 11.51
CA ASN C 133 5.40 7.75 11.28
C ASN C 133 5.19 8.13 9.81
N THR C 134 5.01 7.11 8.97
CA THR C 134 4.64 7.31 7.57
C THR C 134 3.18 6.91 7.40
N GLN C 135 2.40 7.76 6.76
CA GLN C 135 1.01 7.45 6.45
C GLN C 135 0.42 8.61 5.69
N VAL C 136 -0.66 8.35 4.97
CA VAL C 136 -1.44 9.37 4.29
C VAL C 136 -2.74 9.55 5.06
N ILE C 137 -3.09 10.80 5.34
CA ILE C 137 -4.23 11.14 6.17
C ILE C 137 -5.04 12.21 5.46
N ALA C 138 -6.32 12.31 5.81
CA ALA C 138 -7.16 13.37 5.29
C ALA C 138 -8.47 13.38 6.04
N TYR C 139 -9.32 14.35 5.68
CA TYR C 139 -10.57 14.61 6.38
C TYR C 139 -11.71 13.95 5.59
N VAL C 140 -12.19 12.81 6.07
CA VAL C 140 -13.33 12.13 5.47
C VAL C 140 -14.23 11.65 6.60
N SER C 141 -15.54 11.78 6.40
CA SER C 141 -16.53 11.45 7.41
C SER C 141 -16.41 12.38 8.61
N LYS C 142 -16.13 13.66 8.34
CA LYS C 142 -16.03 14.69 9.36
C LYS C 142 -14.98 14.33 10.41
N LYS C 143 -13.94 13.60 10.01
CA LYS C 143 -12.87 13.24 10.92
C LYS C 143 -11.60 12.97 10.10
N TYR C 144 -10.46 12.98 10.78
CA TYR C 144 -9.19 12.62 10.17
C TYR C 144 -9.01 11.11 10.29
N ARG C 145 -8.84 10.44 9.17
CA ARG C 145 -8.72 8.98 9.15
C ARG C 145 -7.56 8.56 8.26
N VAL C 146 -6.80 7.57 8.72
CA VAL C 146 -5.72 7.02 7.91
C VAL C 146 -6.30 6.38 6.65
N PHE C 147 -5.52 6.41 5.58
CA PHE C 147 -5.81 5.64 4.38
C PHE C 147 -4.75 4.60 4.08
N GLY C 148 -3.49 5.00 4.02
CA GLY C 148 -2.42 4.09 3.67
C GLY C 148 -1.19 4.31 4.52
N GLU C 149 -0.58 3.21 4.97
CA GLU C 149 0.53 3.30 5.91
C GLU C 149 1.43 2.09 5.72
N THR C 150 2.64 2.21 6.25
CA THR C 150 3.54 1.06 6.27
C THR C 150 3.07 0.03 7.28
N LEU C 151 3.44 -1.23 7.03
CA LEU C 151 3.11 -2.31 7.93
C LEU C 151 4.28 -2.77 8.78
N ASP C 152 5.52 -2.47 8.36
CA ASP C 152 6.70 -2.83 9.13
C ASP C 152 7.53 -1.63 9.54
N ILE C 153 7.92 -0.78 8.59
CA ILE C 153 8.87 0.30 8.84
C ILE C 153 8.45 1.52 8.02
N ALA C 154 8.69 2.71 8.58
CA ALA C 154 8.37 3.94 7.89
C ALA C 154 9.53 4.36 6.97
N VAL C 155 9.27 5.35 6.12
CA VAL C 155 10.27 5.77 5.15
C VAL C 155 11.50 6.35 5.85
N GLY C 156 11.28 7.18 6.87
CA GLY C 156 12.41 7.76 7.58
C GLY C 156 13.26 6.70 8.26
N ASN C 157 12.62 5.76 8.94
CA ASN C 157 13.36 4.68 9.57
C ASN C 157 14.07 3.82 8.53
N CYS C 158 13.45 3.64 7.37
CA CYS C 158 14.09 2.90 6.28
C CYS C 158 15.40 3.58 5.88
N LEU C 159 15.33 4.87 5.60
CA LEU C 159 16.55 5.59 5.21
C LEU C 159 17.59 5.56 6.32
N ASP C 160 17.15 5.73 7.57
CA ASP C 160 18.08 5.72 8.69
C ASP C 160 18.78 4.37 8.82
N GLN C 161 18.03 3.28 8.68
CA GLN C 161 18.63 1.96 8.80
C GLN C 161 19.55 1.67 7.62
N PHE C 162 19.21 2.16 6.43
CA PHE C 162 20.12 2.03 5.31
C PHE C 162 21.44 2.76 5.60
N ALA C 163 21.34 3.98 6.14
CA ALA C 163 22.54 4.72 6.51
C ALA C 163 23.34 3.97 7.55
N ARG C 164 22.67 3.39 8.54
CA ARG C 164 23.38 2.62 9.57
C ARG C 164 24.12 1.44 8.96
N TYR C 165 23.47 0.74 8.01
CA TYR C 165 24.13 -0.39 7.37
C TYR C 165 25.33 0.07 6.55
N VAL C 166 25.20 1.17 5.83
CA VAL C 166 26.30 1.69 5.02
C VAL C 166 27.21 2.55 5.88
N ASN C 167 26.93 2.63 7.17
CA ASN C 167 27.76 3.29 8.18
C ASN C 167 27.83 4.80 7.99
N LEU C 168 26.97 5.39 7.18
CA LEU C 168 26.92 6.84 7.09
C LEU C 168 26.48 7.40 8.44
N PRO C 169 27.10 8.49 8.91
CA PRO C 169 26.74 9.00 10.25
C PRO C 169 25.31 9.51 10.29
N HIS C 170 24.70 9.34 11.45
CA HIS C 170 23.32 9.78 11.67
C HIS C 170 23.28 11.30 11.81
N PRO C 171 22.33 11.99 11.16
CA PRO C 171 21.30 11.49 10.23
C PRO C 171 21.85 11.16 8.86
N GLY C 172 21.37 10.08 8.25
CA GLY C 172 21.77 9.68 6.92
C GLY C 172 20.93 10.25 5.80
N GLY C 173 19.97 11.13 6.11
CA GLY C 173 19.07 11.65 5.12
C GLY C 173 19.79 12.32 3.97
N PRO C 174 20.43 13.46 4.23
CA PRO C 174 21.13 14.17 3.15
C PRO C 174 22.25 13.35 2.52
N TYR C 175 22.95 12.55 3.32
CA TYR C 175 24.04 11.73 2.76
C TYR C 175 23.50 10.75 1.73
N ILE C 176 22.46 10.00 2.09
CA ILE C 176 21.88 9.06 1.15
C ILE C 176 21.25 9.79 -0.02
N GLU C 177 20.68 10.96 0.21
CA GLU C 177 20.10 11.73 -0.90
C GLU C 177 21.17 12.09 -1.92
N GLU C 178 22.33 12.55 -1.44
CA GLU C 178 23.39 12.95 -2.35
C GLU C 178 24.00 11.73 -3.05
N LEU C 179 24.18 10.63 -2.33
CA LEU C 179 24.70 9.42 -2.97
C LEU C 179 23.75 8.94 -4.06
N ALA C 180 22.44 8.97 -3.79
CA ALA C 180 21.46 8.59 -4.80
C ALA C 180 21.53 9.55 -6.00
N ARG C 181 21.64 10.85 -5.74
CA ARG C 181 21.83 11.81 -6.81
C ARG C 181 23.01 11.41 -7.68
N LYS C 182 24.12 11.02 -7.04
CA LYS C 182 25.30 10.58 -7.79
C LYS C 182 24.99 9.34 -8.62
N GLY C 183 24.23 8.40 -8.06
CA GLY C 183 23.98 7.13 -8.71
C GLY C 183 23.53 7.25 -10.16
N LYS C 184 23.77 6.22 -10.96
CA LYS C 184 23.45 6.22 -12.38
C LYS C 184 22.46 5.14 -12.80
N LYS C 185 22.65 3.91 -12.34
CA LYS C 185 21.76 2.80 -12.67
C LYS C 185 20.98 2.39 -11.44
N LEU C 186 19.69 2.10 -11.63
CA LEU C 186 18.81 1.74 -10.52
C LEU C 186 18.78 0.22 -10.40
N VAL C 187 19.35 -0.29 -9.30
CA VAL C 187 19.36 -1.72 -9.06
C VAL C 187 17.93 -2.24 -8.92
N ASP C 188 17.77 -3.54 -9.18
CA ASP C 188 16.46 -4.19 -9.09
C ASP C 188 16.10 -4.38 -7.62
N LEU C 189 15.04 -3.71 -7.18
CA LEU C 189 14.57 -3.80 -5.81
C LEU C 189 13.07 -4.05 -5.79
N PRO C 190 12.55 -4.67 -4.74
CA PRO C 190 11.11 -4.95 -4.69
C PRO C 190 10.31 -3.66 -4.64
N TYR C 191 9.10 -3.73 -5.17
CA TYR C 191 8.19 -2.58 -5.26
C TYR C 191 6.81 -3.08 -4.87
N THR C 192 6.47 -2.93 -3.60
CA THR C 192 5.23 -3.45 -3.03
C THR C 192 4.32 -2.29 -2.65
N VAL C 193 3.15 -2.23 -3.28
CA VAL C 193 2.10 -1.28 -2.91
C VAL C 193 0.83 -2.10 -2.71
N LYS C 194 0.61 -2.57 -1.49
CA LYS C 194 -0.49 -3.48 -1.19
C LYS C 194 -1.79 -2.69 -1.10
N GLY C 195 -2.20 -2.16 -2.25
CA GLY C 195 -3.42 -1.38 -2.30
C GLY C 195 -3.17 0.05 -1.91
N MET C 196 -3.44 0.38 -0.65
CA MET C 196 -3.11 1.68 -0.09
C MET C 196 -1.84 1.66 0.74
N ASP C 197 -1.38 0.49 1.15
CA ASP C 197 -0.29 0.35 2.10
C ASP C 197 1.06 0.27 1.39
N ILE C 198 2.12 0.07 2.18
CA ILE C 198 3.46 -0.21 1.68
C ILE C 198 4.12 -1.15 2.68
N ALA C 199 5.16 -1.84 2.22
CA ALA C 199 6.03 -2.63 3.10
C ALA C 199 7.46 -2.24 2.76
N PHE C 200 7.95 -1.18 3.39
CA PHE C 200 9.32 -0.72 3.15
C PHE C 200 10.36 -1.70 3.69
N SER C 201 9.97 -2.66 4.52
CA SER C 201 10.93 -3.63 5.02
C SER C 201 11.53 -4.44 3.87
N GLY C 202 10.70 -4.86 2.93
CA GLY C 202 11.22 -5.59 1.78
C GLY C 202 12.22 -4.78 0.98
N LEU C 203 11.87 -3.53 0.70
CA LEU C 203 12.78 -2.67 -0.06
C LEU C 203 14.09 -2.47 0.68
N LEU C 204 14.01 -2.18 1.98
CA LEU C 204 15.23 -1.94 2.75
C LEU C 204 16.11 -3.18 2.79
N THR C 205 15.51 -4.33 3.07
CA THR C 205 16.30 -5.57 3.14
C THR C 205 16.93 -5.89 1.79
N ALA C 206 16.16 -5.74 0.70
CA ALA C 206 16.70 -6.03 -0.61
C ALA C 206 17.83 -5.07 -0.97
N ALA C 207 17.69 -3.80 -0.62
CA ALA C 207 18.78 -2.85 -0.87
C ALA C 207 20.02 -3.22 -0.06
N MET C 208 19.82 -3.66 1.18
CA MET C 208 20.95 -4.11 1.98
C MET C 208 21.66 -5.28 1.33
N ARG C 209 20.89 -6.27 0.86
CA ARG C 209 21.49 -7.42 0.20
C ARG C 209 22.21 -7.01 -1.08
N ALA C 210 21.60 -6.11 -1.85
CA ALA C 210 22.21 -5.66 -3.10
C ALA C 210 23.53 -4.97 -2.84
N TYR C 211 23.58 -4.10 -1.83
CA TYR C 211 24.86 -3.47 -1.47
C TYR C 211 25.86 -4.52 -1.02
N ASP C 212 25.42 -5.50 -0.22
CA ASP C 212 26.32 -6.55 0.24
C ASP C 212 26.89 -7.32 -0.93
N ALA C 213 26.12 -7.45 -2.01
CA ALA C 213 26.60 -8.15 -3.20
C ALA C 213 27.68 -7.38 -3.95
N GLY C 214 27.92 -6.12 -3.58
CA GLY C 214 28.98 -5.33 -4.18
C GLY C 214 28.50 -4.27 -5.16
N GLU C 215 27.19 -4.10 -5.34
CA GLU C 215 26.70 -3.05 -6.22
C GLU C 215 27.11 -1.68 -5.70
N ARG C 216 27.38 -0.77 -6.64
CA ARG C 216 27.94 0.53 -6.28
C ARG C 216 27.02 1.25 -5.31
N LEU C 217 27.63 1.95 -4.34
CA LEU C 217 26.84 2.57 -3.28
C LEU C 217 25.91 3.64 -3.83
N GLU C 218 26.39 4.48 -4.75
CA GLU C 218 25.55 5.52 -5.30
C GLU C 218 24.38 4.95 -6.08
N ASP C 219 24.64 3.90 -6.87
CA ASP C 219 23.55 3.26 -7.60
C ASP C 219 22.54 2.62 -6.66
N ILE C 220 23.03 1.98 -5.59
CA ILE C 220 22.12 1.34 -4.64
C ILE C 220 21.26 2.39 -3.96
N CYS C 221 21.87 3.50 -3.54
CA CYS C 221 21.10 4.56 -2.90
C CYS C 221 20.08 5.14 -3.87
N TYR C 222 20.46 5.34 -5.13
CA TYR C 222 19.51 5.83 -6.11
C TYR C 222 18.34 4.86 -6.28
N SER C 223 18.64 3.56 -6.37
CA SER C 223 17.57 2.58 -6.49
C SER C 223 16.64 2.64 -5.30
N LEU C 224 17.21 2.61 -4.09
CA LEU C 224 16.41 2.62 -2.87
C LEU C 224 15.51 3.84 -2.83
N GLN C 225 16.09 5.02 -3.08
CA GLN C 225 15.32 6.25 -3.00
C GLN C 225 14.21 6.26 -4.03
N GLU C 226 14.53 5.95 -5.29
CA GLU C 226 13.50 6.02 -6.33
C GLU C 226 12.38 5.03 -6.05
N TYR C 227 12.71 3.80 -5.67
CA TYR C 227 11.68 2.81 -5.36
C TYR C 227 10.80 3.27 -4.21
N ALA C 228 11.41 3.64 -3.09
CA ALA C 228 10.64 3.98 -1.89
C ALA C 228 9.76 5.20 -2.12
N PHE C 229 10.32 6.27 -2.67
CA PHE C 229 9.55 7.48 -2.85
C PHE C 229 8.56 7.34 -4.01
N SER C 230 8.79 6.41 -4.94
CA SER C 230 7.77 6.09 -5.93
C SER C 230 6.59 5.36 -5.29
N MET C 231 6.87 4.44 -4.37
CA MET C 231 5.76 3.79 -3.64
C MET C 231 4.95 4.82 -2.87
N LEU C 232 5.62 5.75 -2.19
CA LEU C 232 4.92 6.80 -1.47
C LEU C 232 4.06 7.63 -2.43
N THR C 233 4.63 8.02 -3.56
CA THR C 233 3.88 8.82 -4.52
C THR C 233 2.67 8.05 -5.05
N GLU C 234 2.83 6.73 -5.25
CA GLU C 234 1.72 5.93 -5.76
C GLU C 234 0.59 5.82 -4.75
N ILE C 235 0.92 5.58 -3.47
CA ILE C 235 -0.15 5.54 -2.48
C ILE C 235 -0.81 6.90 -2.38
N THR C 236 -0.04 7.98 -2.56
CA THR C 236 -0.65 9.31 -2.57
C THR C 236 -1.62 9.44 -3.74
N GLU C 237 -1.27 8.92 -4.91
CA GLU C 237 -2.18 8.95 -6.04
C GLU C 237 -3.46 8.17 -5.72
N ARG C 238 -3.31 7.00 -5.14
CA ARG C 238 -4.48 6.18 -4.82
C ARG C 238 -5.37 6.87 -3.81
N ALA C 239 -4.77 7.50 -2.78
CA ALA C 239 -5.56 8.23 -1.80
C ALA C 239 -6.23 9.44 -2.42
N LEU C 240 -5.54 10.14 -3.33
CA LEU C 240 -6.15 11.27 -4.02
C LEU C 240 -7.37 10.82 -4.80
N ALA C 241 -7.26 9.70 -5.52
CA ALA C 241 -8.41 9.18 -6.24
C ALA C 241 -9.53 8.77 -5.27
N HIS C 242 -9.15 8.15 -4.16
CA HIS C 242 -10.15 7.67 -3.20
C HIS C 242 -10.94 8.82 -2.59
N THR C 243 -10.26 9.90 -2.20
CA THR C 243 -10.91 10.98 -1.49
C THR C 243 -11.40 12.10 -2.40
N ASN C 244 -11.01 12.10 -3.68
CA ASN C 244 -11.44 13.12 -4.63
C ASN C 244 -11.10 14.52 -4.14
N LYS C 245 -10.06 14.64 -3.34
CA LYS C 245 -9.66 15.93 -2.78
C LYS C 245 -9.01 16.79 -3.87
N GLY C 246 -8.61 18.00 -3.50
CA GLY C 246 -8.11 18.96 -4.46
C GLY C 246 -6.67 19.37 -4.27
N GLU C 247 -5.99 18.83 -3.26
CA GLU C 247 -4.60 19.20 -3.03
C GLU C 247 -3.96 18.29 -1.98
N VAL C 248 -2.69 18.02 -2.19
CA VAL C 248 -1.89 17.15 -1.33
C VAL C 248 -0.84 17.98 -0.63
N MET C 249 -0.42 17.52 0.54
CA MET C 249 0.60 18.18 1.33
C MET C 249 1.62 17.16 1.82
N LEU C 250 2.88 17.41 1.53
CA LEU C 250 3.95 16.65 2.19
C LEU C 250 4.16 17.23 3.58
N VAL C 251 4.31 16.37 4.58
CA VAL C 251 4.54 16.82 5.94
C VAL C 251 5.42 15.81 6.66
N GLY C 252 6.21 16.30 7.61
CA GLY C 252 7.08 15.46 8.40
C GLY C 252 8.55 15.68 8.05
N GLY C 253 9.40 15.03 8.84
CA GLY C 253 10.84 15.26 8.71
C GLY C 253 11.37 14.94 7.33
N VAL C 254 11.01 13.77 6.80
CA VAL C 254 11.49 13.38 5.48
C VAL C 254 11.05 14.35 4.39
N ALA C 255 10.17 15.30 4.72
CA ALA C 255 9.85 16.36 3.77
C ALA C 255 11.07 17.16 3.37
N ALA C 256 12.21 16.98 4.05
CA ALA C 256 13.43 17.70 3.70
C ALA C 256 14.05 17.22 2.39
N ASN C 257 13.59 16.09 1.84
CA ASN C 257 14.23 15.50 0.67
C ASN C 257 13.72 16.19 -0.60
N ASN C 258 14.62 16.90 -1.27
CA ASN C 258 14.24 17.63 -2.48
C ASN C 258 13.76 16.68 -3.57
N ARG C 259 14.29 15.46 -3.62
CA ARG C 259 13.83 14.51 -4.63
C ARG C 259 12.39 14.11 -4.38
N LEU C 260 12.04 13.78 -3.13
CA LEU C 260 10.64 13.52 -2.81
C LEU C 260 9.77 14.71 -3.17
N ARG C 261 10.23 15.91 -2.80
CA ARG C 261 9.42 17.10 -3.06
C ARG C 261 9.19 17.29 -4.55
N GLU C 262 10.24 17.12 -5.36
CA GLU C 262 10.10 17.26 -6.81
C GLU C 262 9.23 16.16 -7.39
N MET C 263 9.34 14.94 -6.87
CA MET C 263 8.53 13.84 -7.35
C MET C 263 7.05 14.14 -7.13
N LEU C 264 6.70 14.53 -5.90
CA LEU C 264 5.32 14.88 -5.61
C LEU C 264 4.86 16.07 -6.44
N LYS C 265 5.72 17.06 -6.62
CA LYS C 265 5.36 18.24 -7.40
C LYS C 265 5.06 17.88 -8.85
N ALA C 266 5.92 17.06 -9.45
CA ALA C 266 5.70 16.63 -10.83
C ALA C 266 4.45 15.79 -10.95
N MET C 267 4.23 14.88 -10.00
CA MET C 267 2.97 14.14 -9.96
C MET C 267 1.80 15.10 -10.03
N CYS C 268 1.71 15.99 -9.04
CA CYS C 268 0.55 16.88 -8.94
C CYS C 268 0.43 17.76 -10.16
N GLU C 269 1.54 18.15 -10.78
CA GLU C 269 1.49 18.92 -12.02
C GLU C 269 0.83 18.09 -13.13
N GLY C 270 1.20 16.81 -13.23
CA GLY C 270 0.60 15.96 -14.24
C GLY C 270 -0.87 15.70 -14.00
N GLN C 271 -1.25 15.50 -12.73
CA GLN C 271 -2.63 15.20 -12.37
C GLN C 271 -3.49 16.43 -12.11
N ASN C 272 -2.94 17.64 -12.32
CA ASN C 272 -3.71 18.87 -12.20
C ASN C 272 -4.23 19.06 -10.77
N VAL C 273 -3.31 18.95 -9.81
CA VAL C 273 -3.61 19.13 -8.39
C VAL C 273 -2.47 19.93 -7.78
N ASP C 274 -2.72 20.48 -6.59
CA ASP C 274 -1.78 21.39 -5.95
C ASP C 274 -1.03 20.69 -4.82
N PHE C 275 0.29 20.83 -4.82
CA PHE C 275 1.16 20.27 -3.81
C PHE C 275 1.66 21.38 -2.89
N TYR C 276 1.58 21.13 -1.59
CA TYR C 276 2.08 22.08 -0.59
C TYR C 276 2.97 21.34 0.41
N VAL C 277 3.67 22.12 1.22
CA VAL C 277 4.59 21.57 2.22
C VAL C 277 4.95 22.69 3.19
N PRO C 278 4.94 22.46 4.50
CA PRO C 278 5.28 23.52 5.43
C PRO C 278 6.76 23.86 5.35
N PRO C 279 7.16 25.06 5.78
CA PRO C 279 8.58 25.40 5.81
C PRO C 279 9.36 24.44 6.71
N LYS C 280 10.67 24.43 6.51
CA LYS C 280 11.54 23.55 7.30
C LYS C 280 11.33 23.77 8.79
N GLU C 281 11.00 24.99 9.20
CA GLU C 281 10.80 25.27 10.60
C GLU C 281 9.65 24.47 11.19
N PHE C 282 8.69 24.04 10.36
CA PHE C 282 7.50 23.34 10.83
C PHE C 282 7.39 21.90 10.35
N CYS C 283 8.14 21.51 9.31
CA CYS C 283 8.09 20.13 8.86
C CYS C 283 8.41 19.18 10.00
N GLY C 284 9.62 19.28 10.55
CA GLY C 284 10.03 18.39 11.61
C GLY C 284 9.25 18.61 12.89
N ASP C 285 9.34 17.64 13.79
CA ASP C 285 8.65 17.72 15.06
C ASP C 285 9.11 18.96 15.82
N ASN C 286 8.15 19.65 16.44
CA ASN C 286 8.45 20.86 17.20
C ASN C 286 7.31 21.10 18.17
N GLY C 287 7.57 21.95 19.17
CA GLY C 287 6.53 22.29 20.12
C GLY C 287 5.48 23.23 19.56
N ALA C 288 5.82 23.97 18.50
CA ALA C 288 4.89 24.96 17.97
C ALA C 288 3.62 24.30 17.46
N MET C 289 3.76 23.15 16.80
CA MET C 289 2.58 22.50 16.24
C MET C 289 1.64 22.00 17.32
N ILE C 290 2.19 21.39 18.37
CA ILE C 290 1.37 20.93 19.47
C ILE C 290 0.69 22.11 20.15
N ALA C 291 1.42 23.21 20.31
CA ALA C 291 0.82 24.41 20.87
C ALA C 291 -0.36 24.87 20.03
N TRP C 292 -0.18 24.90 18.71
CA TRP C 292 -1.27 25.34 17.83
C TRP C 292 -2.46 24.41 17.91
N LEU C 293 -2.20 23.09 17.95
CA LEU C 293 -3.32 22.16 18.00
C LEU C 293 -4.10 22.30 19.30
N GLY C 294 -3.41 22.42 20.43
CA GLY C 294 -4.11 22.63 21.69
C GLY C 294 -4.89 23.93 21.70
N LEU C 295 -4.29 25.00 21.17
CA LEU C 295 -5.00 26.27 21.10
C LEU C 295 -6.25 26.15 20.25
N LEU C 296 -6.15 25.47 19.11
CA LEU C 296 -7.31 25.29 18.25
C LEU C 296 -8.38 24.45 18.94
N MET C 297 -7.97 23.40 19.65
CA MET C 297 -8.93 22.57 20.35
C MET C 297 -9.69 23.37 21.40
N HIS C 298 -8.99 24.20 22.17
CA HIS C 298 -9.65 24.98 23.21
C HIS C 298 -10.36 26.21 22.67
N LYS C 299 -10.05 26.65 21.45
CA LYS C 299 -10.72 27.81 20.89
C LYS C 299 -12.22 27.51 20.69
N ASN C 300 -12.53 26.39 20.04
CA ASN C 300 -13.91 26.02 19.83
C ASN C 300 -14.63 25.63 21.10
N GLY C 301 -13.91 25.44 22.20
CA GLY C 301 -14.52 25.13 23.48
C GLY C 301 -14.48 23.65 23.80
N ARG C 302 -13.33 23.01 23.57
CA ARG C 302 -13.13 21.60 23.89
C ARG C 302 -12.21 21.54 25.11
N TRP C 303 -12.81 21.63 26.29
CA TRP C 303 -12.05 21.49 27.52
C TRP C 303 -11.49 20.07 27.61
N MET C 304 -10.69 19.84 28.65
CA MET C 304 -10.07 18.53 28.84
C MET C 304 -9.68 18.40 30.30
N SER C 305 -10.30 17.45 31.00
CA SER C 305 -9.97 17.23 32.40
C SER C 305 -8.50 16.82 32.52
N LEU C 306 -7.86 17.27 33.60
CA LEU C 306 -6.46 16.93 33.81
C LEU C 306 -6.27 15.42 33.92
N ASP C 307 -7.33 14.68 34.26
CA ASP C 307 -7.25 13.23 34.30
C ASP C 307 -7.45 12.60 32.93
N GLU C 308 -7.96 13.35 31.96
CA GLU C 308 -8.19 12.85 30.61
C GLU C 308 -7.00 13.11 29.68
N THR C 309 -5.88 13.59 30.22
CA THR C 309 -4.69 13.91 29.44
C THR C 309 -3.66 12.79 29.52
N LYS C 310 -4.11 11.55 29.53
CA LYS C 310 -3.18 10.42 29.56
C LYS C 310 -2.37 10.38 28.28
N ILE C 311 -1.23 9.68 28.33
CA ILE C 311 -0.51 9.38 27.11
C ILE C 311 -1.35 8.40 26.29
N ILE C 312 -1.19 8.47 24.97
CA ILE C 312 -1.86 7.53 24.08
C ILE C 312 -0.84 7.03 23.07
N PRO C 313 0.01 6.07 23.43
CA PRO C 313 1.01 5.58 22.47
C PRO C 313 0.42 5.20 21.12
N ASN C 314 -0.59 4.35 21.11
CA ASN C 314 -1.24 3.94 19.87
C ASN C 314 -2.41 4.86 19.52
N TYR C 315 -2.15 6.17 19.48
CA TYR C 315 -3.21 7.10 19.10
C TYR C 315 -3.51 6.94 17.62
N ARG C 316 -4.78 7.12 17.27
CA ARG C 316 -5.22 7.09 15.88
C ARG C 316 -5.76 8.46 15.49
N THR C 317 -5.55 8.83 14.23
CA THR C 317 -5.97 10.13 13.76
C THR C 317 -7.48 10.30 13.74
N ASP C 318 -8.24 9.22 13.93
CA ASP C 318 -9.69 9.31 13.98
C ASP C 318 -10.22 9.46 15.40
N MET C 319 -9.45 9.06 16.42
CA MET C 319 -9.91 9.18 17.80
C MET C 319 -10.06 10.63 18.22
N VAL C 320 -9.48 11.58 17.48
CA VAL C 320 -9.73 13.00 17.73
C VAL C 320 -11.11 13.34 17.21
N GLU C 321 -11.96 13.85 18.09
CA GLU C 321 -13.28 14.35 17.68
C GLU C 321 -13.05 15.70 17.01
N VAL C 322 -12.59 15.63 15.76
CA VAL C 322 -12.27 16.84 15.01
C VAL C 322 -13.51 17.72 14.97
N ASN C 323 -13.44 18.88 15.62
CA ASN C 323 -14.59 19.75 15.80
C ASN C 323 -14.22 21.21 15.61
N TRP C 324 -13.25 21.50 14.76
CA TRP C 324 -12.76 22.85 14.52
C TRP C 324 -12.93 23.25 13.06
N ILE C 325 -14.11 22.94 12.51
CA ILE C 325 -14.42 23.31 11.13
C ILE C 325 -15.72 24.11 11.08
N MET D 1 -7.55 -7.17 -49.30
CA MET D 1 -8.99 -7.05 -49.10
C MET D 1 -9.65 -8.42 -49.03
N ASP D 2 -8.82 -9.47 -49.04
CA ASP D 2 -9.32 -10.84 -49.00
C ASP D 2 -8.95 -11.49 -47.66
N PRO D 3 -9.89 -11.63 -46.74
CA PRO D 3 -9.59 -12.36 -45.50
C PRO D 3 -9.22 -13.80 -45.80
N MET D 4 -8.33 -14.35 -44.96
CA MET D 4 -7.81 -15.69 -45.20
C MET D 4 -8.95 -16.68 -45.34
N ILE D 5 -8.87 -17.50 -46.38
CA ILE D 5 -9.91 -18.49 -46.66
C ILE D 5 -9.78 -19.63 -45.66
N ILE D 6 -10.89 -19.94 -44.97
CA ILE D 6 -10.91 -20.99 -43.96
C ILE D 6 -12.05 -21.94 -44.32
N ARG D 7 -11.71 -23.22 -44.53
CA ARG D 7 -12.75 -24.19 -44.84
C ARG D 7 -12.42 -25.54 -44.20
N GLY D 8 -13.44 -26.17 -43.63
CA GLY D 8 -13.29 -27.51 -43.07
C GLY D 8 -13.67 -28.56 -44.09
N ILE D 9 -12.76 -29.50 -44.31
CA ILE D 9 -12.94 -30.57 -45.30
C ILE D 9 -12.88 -31.90 -44.56
N ARG D 10 -13.88 -32.74 -44.78
CA ARG D 10 -13.98 -34.03 -44.10
C ARG D 10 -13.76 -35.16 -45.08
N GLY D 11 -13.23 -36.27 -44.57
CA GLY D 11 -12.96 -37.42 -45.40
C GLY D 11 -11.95 -37.15 -46.49
N ALA D 12 -10.87 -36.44 -46.17
CA ALA D 12 -9.83 -36.10 -47.13
C ALA D 12 -8.57 -36.90 -46.81
N ARG D 13 -8.00 -37.53 -47.83
CA ARG D 13 -6.77 -38.29 -47.66
C ARG D 13 -5.60 -37.34 -47.50
N ILE D 14 -4.77 -37.57 -46.49
CA ILE D 14 -3.61 -36.73 -46.23
C ILE D 14 -2.39 -37.33 -46.94
N ASN D 15 -1.68 -36.49 -47.68
CA ASN D 15 -0.48 -36.90 -48.40
C ASN D 15 0.67 -35.99 -47.98
N ASN D 16 1.74 -36.60 -47.48
CA ASN D 16 2.89 -35.82 -47.02
C ASN D 16 3.55 -35.06 -48.17
N GLU D 17 3.33 -35.48 -49.41
CA GLU D 17 3.95 -34.81 -50.54
C GLU D 17 3.51 -33.36 -50.68
N ILE D 18 2.34 -33.00 -50.12
CA ILE D 18 1.84 -31.64 -50.25
C ILE D 18 2.81 -30.66 -49.61
N PHE D 19 3.39 -31.03 -48.46
CA PHE D 19 4.25 -30.11 -47.74
C PHE D 19 5.47 -29.73 -48.57
N ASN D 20 6.11 -30.72 -49.20
CA ASN D 20 7.28 -30.47 -50.03
C ASN D 20 6.91 -30.01 -51.43
N LEU D 21 5.63 -30.09 -51.82
CA LEU D 21 5.21 -29.57 -53.11
C LEU D 21 5.63 -28.11 -53.26
N GLY D 22 5.50 -27.33 -52.20
CA GLY D 22 5.83 -25.92 -52.25
C GLY D 22 4.60 -25.08 -52.49
N LEU D 23 4.10 -24.42 -51.45
CA LEU D 23 2.88 -23.63 -51.55
C LEU D 23 2.62 -23.03 -50.18
N LYS D 24 1.74 -22.04 -50.17
CA LYS D 24 1.35 -21.33 -48.94
C LYS D 24 0.01 -21.87 -48.48
N PHE D 25 0.03 -22.75 -47.47
CA PHE D 25 -1.18 -23.38 -46.97
C PHE D 25 -0.96 -23.70 -45.49
N GLN D 26 -2.07 -23.93 -44.79
CA GLN D 26 -2.01 -24.46 -43.45
C GLN D 26 -3.12 -25.48 -43.26
N ILE D 27 -2.78 -26.61 -42.65
CA ILE D 27 -3.73 -27.68 -42.36
C ILE D 27 -3.76 -27.91 -40.86
N LEU D 28 -4.95 -27.88 -40.29
CA LEU D 28 -5.15 -27.98 -38.84
C LEU D 28 -6.02 -29.19 -38.53
N ASN D 29 -5.63 -29.94 -37.50
CA ASN D 29 -6.45 -31.05 -37.04
C ASN D 29 -7.83 -30.52 -36.68
N ALA D 30 -8.84 -30.91 -37.45
CA ALA D 30 -10.17 -30.32 -37.29
C ALA D 30 -10.83 -30.71 -35.97
N ASP D 31 -10.32 -31.73 -35.29
CA ASP D 31 -10.96 -32.17 -34.05
C ASP D 31 -10.65 -31.24 -32.88
N VAL D 32 -9.62 -30.40 -33.00
CA VAL D 32 -9.23 -29.51 -31.90
C VAL D 32 -9.55 -28.05 -32.19
N VAL D 33 -9.66 -27.64 -33.45
CA VAL D 33 -10.00 -26.27 -33.77
C VAL D 33 -11.41 -26.01 -33.23
N ALA D 34 -11.52 -25.15 -32.22
CA ALA D 34 -12.79 -24.98 -31.53
C ALA D 34 -13.85 -24.42 -32.47
N THR D 35 -13.49 -23.44 -33.30
CA THR D 35 -14.43 -22.83 -34.23
C THR D 35 -13.64 -21.91 -35.15
N LYS D 36 -14.36 -21.19 -36.01
CA LYS D 36 -13.70 -20.21 -36.88
C LYS D 36 -12.94 -19.18 -36.05
N LYS D 37 -13.46 -18.83 -34.88
CA LYS D 37 -12.76 -17.89 -34.01
C LYS D 37 -11.40 -18.43 -33.59
N HIS D 38 -11.32 -19.74 -33.31
CA HIS D 38 -10.06 -20.33 -32.88
C HIS D 38 -8.95 -20.15 -33.89
N VAL D 39 -9.29 -19.91 -35.16
CA VAL D 39 -8.29 -19.69 -36.18
C VAL D 39 -8.16 -18.23 -36.58
N LEU D 40 -9.25 -17.45 -36.53
CA LEU D 40 -9.11 -16.01 -36.73
C LEU D 40 -8.21 -15.40 -35.66
N HIS D 41 -8.35 -15.87 -34.41
CA HIS D 41 -7.48 -15.41 -33.35
C HIS D 41 -6.02 -15.73 -33.67
N ALA D 42 -5.75 -16.96 -34.10
CA ALA D 42 -4.38 -17.33 -34.43
C ALA D 42 -3.85 -16.47 -35.57
N ILE D 43 -4.69 -16.20 -36.57
CA ILE D 43 -4.29 -15.33 -37.68
C ILE D 43 -3.87 -13.97 -37.16
N ASN D 44 -4.71 -13.36 -36.31
CA ASN D 44 -4.39 -12.03 -35.80
C ASN D 44 -3.12 -12.06 -34.96
N GLN D 45 -2.96 -13.09 -34.12
CA GLN D 45 -1.78 -13.15 -33.27
C GLN D 45 -0.51 -13.34 -34.09
N ALA D 46 -0.56 -14.18 -35.12
CA ALA D 46 0.61 -14.31 -35.99
C ALA D 46 0.90 -13.01 -36.72
N LYS D 47 -0.14 -12.32 -37.18
CA LYS D 47 0.05 -11.07 -37.91
C LYS D 47 0.69 -10.01 -37.03
N THR D 48 0.27 -9.91 -35.77
CA THR D 48 0.67 -8.79 -34.92
C THR D 48 1.91 -9.10 -34.08
N LYS D 49 1.92 -10.24 -33.38
CA LYS D 49 2.98 -10.53 -32.44
C LYS D 49 4.34 -10.61 -33.14
N LYS D 50 5.38 -10.72 -32.33
CA LYS D 50 6.71 -11.04 -32.83
C LYS D 50 6.74 -12.50 -33.25
N PRO D 51 7.09 -12.83 -34.49
CA PRO D 51 6.99 -14.22 -34.94
C PRO D 51 7.86 -15.14 -34.08
N ILE D 52 7.33 -16.33 -33.80
CA ILE D 52 8.05 -17.34 -33.05
C ILE D 52 8.70 -18.32 -34.02
N ALA D 53 8.03 -18.53 -35.15
CA ALA D 53 8.52 -19.43 -36.19
C ALA D 53 8.94 -18.62 -37.41
N LYS D 54 9.82 -19.23 -38.21
CA LYS D 54 10.35 -18.54 -39.39
C LYS D 54 9.26 -18.23 -40.40
N SER D 55 8.19 -19.02 -40.43
CA SER D 55 7.15 -18.90 -41.43
C SER D 55 5.86 -18.35 -40.82
N PHE D 56 5.21 -17.45 -41.55
CA PHE D 56 3.90 -16.96 -41.13
C PHE D 56 2.88 -18.08 -41.06
N TRP D 57 2.85 -18.92 -42.10
CA TRP D 57 1.84 -19.97 -42.20
C TRP D 57 2.15 -21.16 -41.31
N MET D 58 3.30 -21.19 -40.66
CA MET D 58 3.57 -22.14 -39.60
C MET D 58 3.39 -21.53 -38.22
N GLU D 59 3.64 -20.23 -38.09
CA GLU D 59 3.24 -19.52 -36.88
C GLU D 59 1.74 -19.59 -36.68
N ILE D 60 0.98 -19.67 -37.78
CA ILE D 60 -0.46 -19.88 -37.65
C ILE D 60 -0.73 -21.16 -36.85
N LEU D 61 -0.06 -22.25 -37.21
CA LEU D 61 -0.24 -23.50 -36.49
C LEU D 61 0.24 -23.36 -35.05
N VAL D 62 1.39 -22.72 -34.84
CA VAL D 62 1.92 -22.60 -33.48
C VAL D 62 0.94 -21.84 -32.60
N ARG D 63 0.38 -20.75 -33.11
CA ARG D 63 -0.57 -19.96 -32.32
C ARG D 63 -1.85 -20.75 -32.06
N ALA D 64 -2.43 -21.35 -33.11
CA ALA D 64 -3.62 -22.16 -32.90
C ALA D 64 -3.38 -23.23 -31.85
N SER D 65 -2.19 -23.83 -31.84
CA SER D 65 -1.88 -24.82 -30.83
C SER D 65 -1.67 -24.20 -29.47
N GLY D 66 -1.29 -22.93 -29.42
CA GLY D 66 -1.01 -22.26 -28.16
C GLY D 66 0.40 -22.52 -27.66
N GLN D 67 0.79 -23.78 -27.57
CA GLN D 67 2.13 -24.12 -27.10
C GLN D 67 3.17 -23.51 -28.02
N ARG D 68 4.18 -22.87 -27.43
CA ARG D 68 5.23 -22.23 -28.22
C ARG D 68 6.03 -23.28 -28.99
N GLN D 69 6.30 -24.42 -28.36
CA GLN D 69 7.09 -25.46 -29.00
C GLN D 69 6.47 -25.86 -30.33
N ILE D 70 7.33 -26.11 -31.32
CA ILE D 70 6.86 -26.48 -32.65
C ILE D 70 6.63 -27.99 -32.76
N HIS D 71 7.49 -28.79 -32.14
CA HIS D 71 7.32 -30.24 -32.22
C HIS D 71 5.97 -30.67 -31.63
N GLU D 72 5.67 -30.22 -30.41
CA GLU D 72 4.42 -30.59 -29.78
C GLU D 72 3.23 -30.04 -30.55
N ALA D 73 3.32 -28.79 -31.00
CA ALA D 73 2.21 -28.20 -31.76
C ALA D 73 1.92 -29.01 -33.01
N ILE D 74 2.97 -29.36 -33.76
CA ILE D 74 2.78 -30.19 -34.95
C ILE D 74 2.15 -31.52 -34.55
N LYS D 75 2.84 -32.29 -33.71
CA LYS D 75 2.39 -33.64 -33.42
C LYS D 75 0.97 -33.68 -32.87
N ILE D 76 0.52 -32.59 -32.24
CA ILE D 76 -0.80 -32.61 -31.60
C ILE D 76 -1.85 -32.07 -32.56
N ILE D 77 -1.73 -30.80 -32.96
CA ILE D 77 -2.81 -30.13 -33.68
C ILE D 77 -2.65 -30.19 -35.20
N GLY D 78 -1.51 -30.64 -35.69
CA GLY D 78 -1.36 -30.77 -37.13
C GLY D 78 -2.42 -31.67 -37.73
N ALA D 79 -2.85 -31.33 -38.94
CA ALA D 79 -3.93 -32.06 -39.58
C ALA D 79 -3.58 -33.54 -39.72
N LYS D 80 -4.57 -34.40 -39.46
CA LYS D 80 -4.42 -35.85 -39.57
C LYS D 80 -5.44 -36.39 -40.57
N ASP D 81 -5.50 -37.71 -40.68
CA ASP D 81 -6.36 -38.34 -41.66
C ASP D 81 -7.83 -38.00 -41.41
N GLY D 82 -8.54 -37.64 -42.47
CA GLY D 82 -9.96 -37.36 -42.38
C GLY D 82 -10.27 -35.89 -42.28
N ASN D 83 -10.96 -35.50 -41.21
CA ASN D 83 -11.37 -34.12 -41.02
C ASN D 83 -10.16 -33.21 -40.83
N VAL D 84 -10.16 -32.07 -41.53
CA VAL D 84 -9.07 -31.11 -41.44
C VAL D 84 -9.64 -29.72 -41.70
N CYS D 85 -8.88 -28.70 -41.29
CA CYS D 85 -9.23 -27.31 -41.53
C CYS D 85 -8.15 -26.70 -42.40
N LEU D 86 -8.55 -26.12 -43.52
CA LEU D 86 -7.64 -25.53 -44.49
C LEU D 86 -7.65 -24.02 -44.34
N ILE D 87 -6.45 -23.45 -44.15
CA ILE D 87 -6.22 -22.01 -44.11
C ILE D 87 -5.42 -21.69 -45.36
N CYS D 88 -5.97 -20.82 -46.21
CA CYS D 88 -5.37 -20.48 -47.49
C CYS D 88 -5.57 -18.99 -47.77
N GLU D 89 -5.09 -18.56 -48.92
CA GLU D 89 -5.16 -17.15 -49.32
C GLU D 89 -5.72 -16.92 -50.70
N ASP D 90 -5.54 -17.85 -51.64
CA ASP D 90 -5.95 -17.66 -53.02
C ASP D 90 -6.68 -18.91 -53.52
N GLU D 91 -7.57 -18.70 -54.50
CA GLU D 91 -8.50 -19.60 -55.16
C GLU D 91 -7.77 -20.66 -55.99
N GLU D 92 -6.76 -20.25 -56.77
CA GLU D 92 -6.04 -21.20 -57.61
C GLU D 92 -5.22 -22.15 -56.76
N THR D 93 -4.44 -21.61 -55.83
CA THR D 93 -3.74 -22.46 -54.86
C THR D 93 -4.74 -23.23 -54.01
N PHE D 94 -5.85 -22.60 -53.63
CA PHE D 94 -6.90 -23.32 -52.93
C PHE D 94 -7.45 -24.46 -53.75
N ARG D 95 -7.71 -24.22 -55.04
CA ARG D 95 -8.22 -25.27 -55.90
C ARG D 95 -7.23 -26.43 -56.00
N LYS D 96 -5.95 -26.14 -56.18
CA LYS D 96 -4.94 -27.19 -56.25
C LYS D 96 -4.87 -27.98 -54.95
N ILE D 97 -4.90 -27.28 -53.81
CA ILE D 97 -4.82 -27.96 -52.52
C ILE D 97 -6.03 -28.85 -52.34
N TYR D 98 -7.22 -28.36 -52.69
CA TYR D 98 -8.41 -29.18 -52.58
C TYR D 98 -8.31 -30.42 -53.47
N GLU D 99 -7.84 -30.24 -54.70
CA GLU D 99 -7.72 -31.38 -55.61
C GLU D 99 -6.77 -32.43 -55.05
N LEU D 100 -5.62 -32.00 -54.52
CA LEU D 100 -4.64 -32.96 -54.00
C LEU D 100 -5.15 -33.65 -52.74
N ILE D 101 -5.65 -32.87 -51.77
CA ILE D 101 -6.00 -33.44 -50.47
C ILE D 101 -7.25 -34.29 -50.58
N GLY D 102 -8.28 -33.81 -51.27
CA GLY D 102 -9.53 -34.52 -51.36
C GLY D 102 -10.49 -34.14 -50.27
N GLY D 103 -11.54 -34.96 -50.13
CA GLY D 103 -12.57 -34.73 -49.13
C GLY D 103 -13.72 -33.91 -49.64
N GLU D 104 -14.65 -33.62 -48.73
CA GLU D 104 -15.86 -32.89 -49.03
C GLU D 104 -15.98 -31.69 -48.11
N ILE D 105 -16.61 -30.63 -48.62
CA ILE D 105 -16.75 -29.37 -47.89
C ILE D 105 -17.88 -29.51 -46.87
N ASP D 106 -17.53 -29.38 -45.59
CA ASP D 106 -18.54 -29.34 -44.53
C ASP D 106 -17.91 -28.61 -43.34
N ASP D 107 -18.28 -27.35 -43.16
CA ASP D 107 -17.74 -26.57 -42.04
C ASP D 107 -18.25 -27.05 -40.68
N SER D 108 -19.26 -27.93 -40.66
CA SER D 108 -19.82 -28.37 -39.39
C SER D 108 -18.78 -29.04 -38.50
N VAL D 109 -17.71 -29.59 -39.08
CA VAL D 109 -16.69 -30.23 -38.26
C VAL D 109 -15.98 -29.21 -37.39
N LEU D 110 -15.87 -27.96 -37.87
CA LEU D 110 -15.24 -26.92 -37.06
C LEU D 110 -16.04 -26.65 -35.79
N GLU D 111 -17.37 -26.63 -35.89
CA GLU D 111 -18.20 -26.36 -34.73
C GLU D 111 -17.93 -27.40 -33.64
N ILE D 112 -18.42 -27.11 -32.44
CA ILE D 112 -18.08 -27.86 -31.24
C ILE D 112 -19.29 -28.66 -30.78
N ASN D 113 -19.04 -29.92 -30.41
CA ASN D 113 -20.04 -30.77 -29.79
C ASN D 113 -19.38 -31.49 -28.62
N GLU D 114 -20.19 -32.13 -27.79
CA GLU D 114 -19.72 -32.71 -26.54
C GLU D 114 -18.35 -33.37 -26.68
N ASP D 115 -18.21 -34.25 -27.68
CA ASP D 115 -16.94 -34.95 -27.87
C ASP D 115 -15.82 -33.96 -28.20
N LYS D 116 -16.10 -33.00 -29.08
CA LYS D 116 -15.06 -32.04 -29.45
C LYS D 116 -14.63 -31.21 -28.26
N GLU D 117 -15.58 -30.78 -27.44
CA GLU D 117 -15.24 -30.02 -26.23
C GLU D 117 -14.42 -30.87 -25.28
N ARG D 118 -14.80 -32.14 -25.10
CA ARG D 118 -14.02 -33.02 -24.23
C ARG D 118 -12.58 -33.12 -24.72
N LEU D 119 -12.41 -33.33 -26.04
CA LEU D 119 -11.06 -33.44 -26.58
C LEU D 119 -10.28 -32.14 -26.43
N ILE D 120 -10.93 -31.01 -26.71
CA ILE D 120 -10.25 -29.72 -26.57
C ILE D 120 -9.75 -29.53 -25.14
N ARG D 121 -10.62 -29.78 -24.17
CA ARG D 121 -10.21 -29.63 -22.77
C ARG D 121 -9.08 -30.60 -22.43
N GLU D 122 -9.19 -31.86 -22.87
CA GLU D 122 -8.18 -32.83 -22.52
C GLU D 122 -6.83 -32.46 -23.11
N ILE D 123 -6.81 -31.89 -24.31
CA ILE D 123 -5.55 -31.65 -25.00
C ILE D 123 -4.95 -30.29 -24.67
N PHE D 124 -5.78 -29.31 -24.27
CA PHE D 124 -5.30 -28.00 -23.88
C PHE D 124 -5.22 -27.82 -22.37
N LYS D 125 -5.53 -28.86 -21.59
CA LYS D 125 -5.47 -28.77 -20.14
C LYS D 125 -6.33 -27.62 -19.62
N ILE D 126 -7.54 -27.49 -20.16
CA ILE D 126 -8.44 -26.39 -19.81
C ILE D 126 -9.26 -26.86 -18.62
N ARG D 127 -8.71 -26.67 -17.42
CA ARG D 127 -9.47 -26.84 -16.20
C ARG D 127 -10.17 -25.53 -15.85
N GLY D 128 -11.27 -25.65 -15.10
CA GLY D 128 -12.10 -24.50 -14.81
C GLY D 128 -13.22 -24.34 -15.83
N PHE D 129 -14.11 -23.40 -15.55
CA PHE D 129 -15.32 -23.20 -16.32
C PHE D 129 -15.27 -21.90 -17.11
N GLY D 130 -15.77 -21.96 -18.34
CA GLY D 130 -15.86 -20.78 -19.18
C GLY D 130 -16.29 -21.19 -20.57
N ASN D 131 -16.73 -20.19 -21.34
CA ASN D 131 -17.12 -20.45 -22.71
C ASN D 131 -15.97 -21.06 -23.48
N VAL D 132 -16.27 -22.08 -24.28
CA VAL D 132 -15.21 -22.86 -24.91
C VAL D 132 -14.40 -22.00 -25.88
N VAL D 133 -15.09 -21.29 -26.77
CA VAL D 133 -14.38 -20.50 -27.78
C VAL D 133 -13.58 -19.39 -27.13
N GLU D 134 -14.20 -18.66 -26.20
CA GLU D 134 -13.50 -17.56 -25.55
C GLU D 134 -12.30 -18.06 -24.78
N ARG D 135 -12.45 -19.17 -24.06
CA ARG D 135 -11.37 -19.67 -23.24
C ARG D 135 -10.22 -20.22 -24.06
N VAL D 136 -10.52 -20.88 -25.19
CA VAL D 136 -9.43 -21.35 -26.03
C VAL D 136 -8.73 -20.18 -26.70
N LEU D 137 -9.48 -19.16 -27.12
CA LEU D 137 -8.84 -17.93 -27.57
C LEU D 137 -7.91 -17.38 -26.49
N GLU D 138 -8.33 -17.42 -25.24
CA GLU D 138 -7.47 -16.96 -24.15
C GLU D 138 -6.19 -17.79 -24.06
N LYS D 139 -6.33 -19.11 -24.04
CA LYS D 139 -5.15 -19.96 -23.93
C LYS D 139 -4.21 -19.76 -25.11
N ILE D 140 -4.75 -19.36 -26.26
CA ILE D 140 -3.90 -19.04 -27.40
C ILE D 140 -3.32 -17.64 -27.30
N ALA D 141 -3.96 -16.75 -26.54
CA ALA D 141 -3.45 -15.40 -26.37
C ALA D 141 -2.40 -15.29 -25.28
N LEU D 142 -2.32 -16.28 -24.39
CA LEU D 142 -1.33 -16.25 -23.31
C LEU D 142 0.05 -16.74 -23.74
N ILE D 143 0.31 -16.79 -25.05
CA ILE D 143 1.65 -17.20 -25.51
C ILE D 143 2.68 -16.13 -25.16
N GLU D 144 2.31 -14.85 -25.25
CA GLU D 144 3.28 -13.78 -25.03
C GLU D 144 3.54 -13.56 -23.56
N LEU D 145 3.82 -14.63 -22.83
CA LEU D 145 4.14 -14.54 -21.41
C LEU D 145 5.12 -15.66 -21.09
N LYS D 146 6.16 -15.35 -20.34
CA LYS D 146 7.17 -16.34 -19.97
C LYS D 146 6.55 -17.51 -19.22
N GLN E 7 12.66 -4.64 46.27
CA GLN E 7 12.04 -4.04 47.44
C GLN E 7 12.87 -2.85 47.93
N ALA E 8 12.37 -1.64 47.72
CA ALA E 8 13.09 -0.44 48.13
C ALA E 8 12.12 0.70 48.31
N LYS E 9 12.60 1.76 48.97
CA LYS E 9 11.84 2.97 49.22
C LYS E 9 12.66 4.18 48.79
N ILE E 10 12.00 5.12 48.12
CA ILE E 10 12.62 6.36 47.68
C ILE E 10 11.81 7.51 48.25
N GLU E 11 12.45 8.35 49.05
CA GLU E 11 11.81 9.51 49.68
C GLU E 11 12.39 10.77 49.07
N ILE E 12 11.53 11.71 48.71
CA ILE E 12 11.97 12.99 48.18
C ILE E 12 11.28 14.10 48.96
N GLU E 13 12.06 15.06 49.45
CA GLU E 13 11.55 16.20 50.19
C GLU E 13 11.69 17.45 49.35
N PHE E 14 10.72 18.34 49.48
CA PHE E 14 10.68 19.59 48.73
C PHE E 14 10.51 20.75 49.69
N PRO E 15 10.88 21.96 49.27
CA PRO E 15 10.81 23.11 50.19
C PRO E 15 9.43 23.34 50.78
N SER E 16 8.37 23.14 50.00
CA SER E 16 7.03 23.51 50.43
C SER E 16 6.02 22.42 50.08
N GLU E 17 4.97 22.35 50.91
CA GLU E 17 3.86 21.47 50.61
C GLU E 17 3.19 21.84 49.29
N ASP E 18 3.25 23.12 48.90
CA ASP E 18 2.69 23.52 47.62
C ASP E 18 3.37 22.78 46.47
N VAL E 19 4.71 22.83 46.42
CA VAL E 19 5.42 22.13 45.36
C VAL E 19 5.31 20.62 45.54
N ALA E 20 5.20 20.14 46.79
CA ALA E 20 4.98 18.72 47.00
C ALA E 20 3.71 18.26 46.30
N LYS E 21 2.60 18.95 46.55
CA LYS E 21 1.35 18.62 45.88
C LYS E 21 1.47 18.81 44.37
N VAL E 22 2.17 19.88 43.95
CA VAL E 22 2.41 20.11 42.53
C VAL E 22 2.93 18.85 41.87
N VAL E 23 4.09 18.39 42.34
CA VAL E 23 4.73 17.23 41.74
C VAL E 23 3.85 16.00 41.89
N TYR E 24 3.25 15.82 43.07
CA TYR E 24 2.49 14.60 43.31
C TYR E 24 1.32 14.47 42.36
N GLU E 25 0.56 15.54 42.15
CA GLU E 25 -0.62 15.44 41.29
C GLU E 25 -0.32 15.74 39.83
N ALA E 26 0.91 16.15 39.50
CA ALA E 26 1.34 16.12 38.11
C ALA E 26 1.97 14.78 37.71
N VAL E 27 2.32 13.95 38.67
CA VAL E 27 2.94 12.66 38.39
C VAL E 27 2.02 11.47 38.68
N LEU E 28 1.00 11.63 39.53
CA LEU E 28 0.15 10.49 39.86
C LEU E 28 -0.70 10.05 38.68
N TYR E 29 -1.13 10.99 37.85
CA TYR E 29 -1.90 10.62 36.67
C TYR E 29 -1.05 9.78 35.72
N GLU E 30 0.21 10.17 35.53
CA GLU E 30 1.14 9.32 34.78
C GLU E 30 1.31 7.97 35.46
N HIS E 31 1.45 7.97 36.80
CA HIS E 31 1.63 6.72 37.53
C HIS E 31 0.51 5.74 37.24
N LEU E 32 -0.74 6.22 37.28
CA LEU E 32 -1.89 5.37 37.04
C LEU E 32 -2.22 5.22 35.55
N SER E 33 -1.49 5.91 34.68
CA SER E 33 -1.68 5.77 33.24
C SER E 33 -0.96 4.57 32.65
N VAL E 34 -0.05 3.95 33.38
CA VAL E 34 0.68 2.78 32.89
C VAL E 34 -0.24 1.56 32.98
N PRO E 35 -0.54 0.89 31.86
CA PRO E 35 -1.43 -0.28 31.93
C PRO E 35 -0.82 -1.44 32.71
N TYR E 36 0.39 -1.83 32.33
CA TYR E 36 1.15 -2.86 33.04
C TYR E 36 2.45 -2.25 33.53
N ARG E 37 2.71 -2.39 34.82
CA ARG E 37 3.83 -1.72 35.46
C ARG E 37 5.10 -2.55 35.34
N ARG E 38 6.25 -1.87 35.38
CA ARG E 38 7.52 -2.56 35.40
C ARG E 38 7.63 -3.45 36.63
N SER E 39 7.17 -2.95 37.78
CA SER E 39 7.17 -3.71 39.02
C SER E 39 6.14 -3.10 39.95
N GLU E 40 5.81 -3.84 41.01
CA GLU E 40 4.83 -3.36 41.98
C GLU E 40 5.28 -2.01 42.54
N ILE E 41 4.37 -1.04 42.54
CA ILE E 41 4.71 0.33 42.88
C ILE E 41 3.66 0.92 43.83
N ASP E 42 4.11 1.85 44.66
CA ASP E 42 3.25 2.68 45.49
C ASP E 42 3.77 4.11 45.42
N PHE E 43 2.84 5.07 45.31
CA PHE E 43 3.16 6.47 45.05
C PHE E 43 2.29 7.34 45.95
N LYS E 44 2.86 7.84 47.04
CA LYS E 44 2.06 8.48 48.09
C LYS E 44 2.66 9.83 48.50
N LEU E 45 1.77 10.68 49.00
CA LEU E 45 2.12 12.03 49.44
C LEU E 45 2.13 12.07 50.96
N GLU E 46 3.29 12.37 51.55
CA GLU E 46 3.44 12.49 53.00
C GLU E 46 3.86 13.93 53.30
N GLY E 47 2.89 14.75 53.70
CA GLY E 47 3.18 16.14 53.95
C GLY E 47 3.79 16.79 52.72
N LYS E 48 4.90 17.51 52.93
CA LYS E 48 5.61 18.18 51.85
C LYS E 48 6.63 17.27 51.17
N LYS E 49 6.45 15.96 51.25
CA LYS E 49 7.36 15.00 50.65
C LYS E 49 6.57 13.95 49.87
N ILE E 50 7.26 13.30 48.94
CA ILE E 50 6.68 12.25 48.10
C ILE E 50 7.47 10.96 48.34
N ILE E 51 6.75 9.87 48.55
CA ILE E 51 7.35 8.57 48.86
C ILE E 51 6.96 7.59 47.77
N LEU E 52 7.94 6.83 47.29
CA LEU E 52 7.74 5.77 46.31
C LEU E 52 8.21 4.45 46.91
N ASP E 53 7.39 3.41 46.75
CA ASP E 53 7.73 2.07 47.18
C ASP E 53 7.80 1.17 45.96
N ILE E 54 8.88 0.41 45.83
CA ILE E 54 9.11 -0.45 44.68
C ILE E 54 9.30 -1.87 45.16
N LYS E 55 8.74 -2.82 44.42
CA LYS E 55 8.93 -4.25 44.68
C LYS E 55 8.89 -4.98 43.35
N ALA E 56 10.02 -5.55 42.96
CA ALA E 56 10.11 -6.32 41.71
C ALA E 56 10.01 -7.81 41.99
N SER E 60 16.47 -5.71 37.47
CA SER E 60 16.27 -5.38 36.06
C SER E 60 15.07 -4.44 35.89
N ALA E 61 13.87 -4.98 36.08
CA ALA E 61 12.67 -4.14 36.01
C ALA E 61 12.69 -3.09 37.12
N LEU E 62 13.18 -3.45 38.30
CA LEU E 62 13.27 -2.49 39.39
C LEU E 62 14.20 -1.34 39.04
N ARG E 63 15.36 -1.64 38.43
CA ARG E 63 16.28 -0.59 38.04
C ARG E 63 15.64 0.36 37.03
N GLY E 64 14.98 -0.20 36.03
CA GLY E 64 14.29 0.64 35.06
C GLY E 64 13.23 1.51 35.71
N THR E 65 12.45 0.92 36.62
CA THR E 65 11.40 1.68 37.29
C THR E 65 11.98 2.83 38.09
N VAL E 66 13.04 2.57 38.85
CA VAL E 66 13.60 3.63 39.69
C VAL E 66 14.21 4.72 38.82
N ASN E 67 14.90 4.35 37.74
CA ASN E 67 15.44 5.37 36.85
C ASN E 67 14.32 6.20 36.23
N SER E 68 13.27 5.55 35.75
CA SER E 68 12.17 6.25 35.12
C SER E 68 11.50 7.21 36.10
N TYR E 69 11.33 6.79 37.35
CA TYR E 69 10.64 7.65 38.31
C TYR E 69 11.54 8.77 38.81
N LEU E 70 12.82 8.50 39.01
CA LEU E 70 13.77 9.58 39.22
C LEU E 70 13.64 10.62 38.12
N ARG E 71 13.51 10.17 36.88
CA ARG E 71 13.42 11.10 35.76
C ARG E 71 12.10 11.87 35.77
N TRP E 72 10.98 11.18 36.01
CA TRP E 72 9.71 11.89 36.05
C TRP E 72 9.74 12.98 37.12
N ILE E 73 10.20 12.64 38.32
CA ILE E 73 10.21 13.60 39.41
C ILE E 73 11.20 14.72 39.13
N LYS E 74 12.36 14.40 38.56
CA LYS E 74 13.32 15.44 38.24
C LYS E 74 12.76 16.43 37.23
N ALA E 75 12.10 15.91 36.19
CA ALA E 75 11.49 16.80 35.20
C ALA E 75 10.43 17.67 35.85
N ALA E 76 9.58 17.07 36.69
CA ALA E 76 8.54 17.84 37.35
C ALA E 76 9.13 18.94 38.22
N ILE E 77 10.18 18.62 38.97
CA ILE E 77 10.85 19.62 39.80
C ILE E 77 11.38 20.75 38.93
N ASP E 78 12.12 20.39 37.88
CA ASP E 78 12.81 21.40 37.07
C ASP E 78 11.85 22.25 36.27
N VAL E 79 10.62 21.78 36.03
CA VAL E 79 9.68 22.59 35.24
C VAL E 79 9.47 23.95 35.89
N ILE E 80 9.55 24.04 37.20
CA ILE E 80 9.32 25.30 37.90
C ILE E 80 10.41 26.29 37.54
#